data_6EIT
#
_entry.id   6EIT
#
loop_
_entity.id
_entity.type
_entity.pdbx_description
1 polymer VP1
2 polymer VP2
3 polymer VP3
4 polymer 'Intercellular adhesion molecule 1'
#
loop_
_entity_poly.entity_id
_entity_poly.type
_entity_poly.pdbx_seq_one_letter_code
_entity_poly.pdbx_strand_id
1 'polypeptide(L)'
;GIEETIDTVITNALQLSQPKPQKQPTAQSTPLTSGVNSQEVPALTAVETGASGQAVPSDVIETRHVVNYKTRSESTLESF
FGRSACVTILEVENFNATTDADRKKQFTTWAITYTDTVQLRRKLEFFTYSRFDLEMTFVITERYYASNTGHARNQVYQLM
YIPPGAPRPTAWDDYTWQSSSNPSVFYTYGSAPPRMSIPYVGIANAYSHFYDGFARVPLKDETVDSGDTYYGLVTINDFG
TLAVRVVNEYNPARITSKIRVYMKPKHVRCWCPRPPRAVPYRGEGVDFKQDSITPLTAVENINTF
;
1
2 'polypeptide(L)'
;SPNVEACGYSDRVRQITLGNSTITTQEAANAVVAYGEWPSYLDDKEANPIDAPTEPDVSSNRFYTLDSVQWKSTSRGWWW
KLPDALKDMGMFGQNMYYHYLGRSGYTVHVQCNASKFHQGALGVFAIPEYVMACNTEAKTSYVSYVNANPGEKGGVFDNA
YNPSAEASEGRKFAALDYLLGCGVLAGNAFVYPHQIINLRTNNSATLVLPYVNSLAIDCMAKHNNWGLVILPLCKLDYAP
NSSTEIPITVTIAPMFTEFNGLRNITVPATQ
;
2
3 'polypeptide(L)'
;GLPTMLTPGSSQFLTSDDFQSPCALPNFDVTPPIHIPGEVFNMMELAEIDSMIPMNSVTGKANTMEMYPIPLDDKGSATP
IFSISLSPASDKRLQYTMLGEILNYYTHWTGSLRFTFLFCGSMMATGKILLSYSPPGAKPPTTRKDAMLGTHIIWDLGLQ
SSCTMLAPWISNTVYRRCIKDDFTEGGYITCFYQTRIVVPSGTPTSMFMLAFVSACPDFSVRLLRDTNHISQRTLFARAQ
;
3
4 'polypeptide(L)'
;QTSVSPSKVILPRGGSVLVTCSTSCDQPKLLGIETPLPKKELLLPGNNRKVYELSNVQEDSQPMCYSNCPDGQSTAKTFL
TVYWT
;
4
#
# COMPACT_ATOMS: atom_id res chain seq x y z
N THR A 26 -23.19 -19.75 25.42
CA THR A 26 -24.34 -18.86 25.54
C THR A 26 -23.91 -17.46 25.94
N ALA A 27 -24.86 -16.55 26.02
CA ALA A 27 -24.63 -15.29 26.69
C ALA A 27 -24.70 -15.50 28.20
N GLN A 28 -24.37 -14.46 28.96
CA GLN A 28 -24.34 -14.60 30.41
C GLN A 28 -25.75 -14.68 30.96
N SER A 29 -25.93 -15.49 31.99
CA SER A 29 -27.18 -15.58 32.72
C SER A 29 -27.30 -14.39 33.67
N THR A 30 -28.27 -14.43 34.58
CA THR A 30 -28.47 -13.36 35.54
C THR A 30 -28.62 -13.98 36.92
N PRO A 31 -27.75 -13.66 37.88
CA PRO A 31 -27.84 -14.29 39.19
C PRO A 31 -28.94 -13.68 40.04
N LEU A 32 -29.49 -14.51 40.93
CA LEU A 32 -30.46 -14.04 41.91
C LEU A 32 -29.74 -13.22 42.96
N THR A 33 -29.78 -11.90 42.84
CA THR A 33 -29.23 -11.01 43.84
C THR A 33 -30.34 -10.21 44.48
N SER A 34 -30.04 -9.65 45.65
CA SER A 34 -30.97 -8.79 46.35
C SER A 34 -30.29 -7.46 46.65
N GLY A 35 -30.92 -6.64 47.47
CA GLY A 35 -30.39 -5.32 47.72
C GLY A 35 -29.18 -5.32 48.62
N VAL A 36 -28.37 -4.26 48.50
CA VAL A 36 -27.15 -4.11 49.26
C VAL A 36 -27.14 -2.77 49.98
N ASN A 37 -26.30 -2.70 51.01
CA ASN A 37 -25.95 -1.46 51.70
C ASN A 37 -24.52 -1.66 52.22
N SER A 38 -23.54 -1.27 51.40
CA SER A 38 -22.15 -1.49 51.76
C SER A 38 -21.26 -0.56 50.95
N GLN A 39 -19.98 -0.56 51.30
CA GLN A 39 -18.98 0.32 50.70
C GLN A 39 -18.54 -0.17 49.32
N GLU A 40 -18.84 -1.41 48.97
CA GLU A 40 -18.53 -1.92 47.63
C GLU A 40 -19.51 -1.28 46.64
N VAL A 41 -19.01 -0.35 45.85
CA VAL A 41 -19.84 0.44 44.95
C VAL A 41 -19.41 0.14 43.51
N PRO A 42 -20.14 -0.71 42.80
CA PRO A 42 -19.84 -0.94 41.38
C PRO A 42 -20.51 0.03 40.44
N ALA A 43 -21.45 0.84 40.91
CA ALA A 43 -22.16 1.73 40.01
C ALA A 43 -21.33 2.92 39.59
N LEU A 44 -20.23 3.19 40.29
CA LEU A 44 -19.39 4.35 40.02
C LEU A 44 -18.10 3.90 39.38
N THR A 45 -17.89 4.32 38.13
CA THR A 45 -16.63 4.05 37.45
C THR A 45 -15.96 5.37 37.09
N ALA A 46 -14.88 5.32 36.33
CA ALA A 46 -14.21 6.53 35.88
C ALA A 46 -13.70 6.28 34.46
N VAL A 47 -14.39 6.85 33.47
CA VAL A 47 -14.02 6.61 32.07
C VAL A 47 -12.86 7.47 31.61
N GLU A 48 -12.25 8.26 32.50
CA GLU A 48 -10.97 8.87 32.16
C GLU A 48 -9.88 7.82 32.02
N THR A 49 -10.03 6.70 32.72
CA THR A 49 -9.00 5.66 32.71
C THR A 49 -8.96 4.89 31.40
N GLY A 50 -9.97 5.05 30.55
CA GLY A 50 -9.99 4.43 29.24
C GLY A 50 -10.91 3.22 29.17
N ALA A 51 -11.10 2.53 30.28
CA ALA A 51 -12.00 1.40 30.31
C ALA A 51 -13.44 1.86 30.22
N SER A 52 -14.28 1.02 29.65
CA SER A 52 -15.69 1.34 29.48
C SER A 52 -16.43 1.10 30.79
N GLY A 53 -17.76 1.15 30.73
CA GLY A 53 -18.54 0.75 31.89
C GLY A 53 -18.46 -0.75 32.12
N GLN A 54 -18.64 -1.15 33.37
CA GLN A 54 -18.50 -2.57 33.72
C GLN A 54 -19.64 -3.08 34.59
N ALA A 55 -20.67 -2.28 34.86
CA ALA A 55 -21.75 -2.72 35.72
C ALA A 55 -22.74 -3.57 34.94
N VAL A 56 -22.93 -4.80 35.38
CA VAL A 56 -23.96 -5.69 34.84
C VAL A 56 -25.21 -5.40 35.66
N PRO A 57 -26.43 -5.70 35.17
CA PRO A 57 -27.64 -5.28 35.90
C PRO A 57 -27.87 -5.96 37.24
N SER A 58 -27.10 -6.98 37.60
CA SER A 58 -27.21 -7.52 38.94
C SER A 58 -26.62 -6.58 39.99
N ASP A 59 -25.82 -5.60 39.57
CA ASP A 59 -25.17 -4.69 40.52
C ASP A 59 -26.14 -3.65 41.05
N VAL A 60 -26.76 -2.88 40.17
CA VAL A 60 -27.44 -1.67 40.61
C VAL A 60 -28.89 -1.88 41.02
N ILE A 61 -29.50 -3.01 40.66
CA ILE A 61 -30.88 -3.28 41.07
C ILE A 61 -30.95 -4.67 41.69
N GLU A 62 -32.17 -5.12 42.01
CA GLU A 62 -32.41 -6.49 42.42
C GLU A 62 -32.89 -7.28 41.22
N THR A 63 -32.26 -8.44 41.00
CA THR A 63 -32.54 -9.28 39.84
C THR A 63 -32.96 -10.67 40.28
N ARG A 64 -33.69 -11.35 39.40
CA ARG A 64 -34.08 -12.73 39.63
C ARG A 64 -33.01 -13.64 39.04
N HIS A 65 -33.30 -14.94 38.96
CA HIS A 65 -32.42 -15.90 38.28
C HIS A 65 -33.00 -16.17 36.91
N VAL A 66 -32.25 -15.85 35.87
CA VAL A 66 -32.68 -16.07 34.49
C VAL A 66 -31.63 -16.93 33.83
N VAL A 67 -31.98 -18.17 33.53
CA VAL A 67 -31.07 -19.04 32.79
C VAL A 67 -31.14 -18.61 31.34
N ASN A 68 -29.99 -18.27 30.78
CA ASN A 68 -29.91 -17.65 29.46
C ASN A 68 -29.41 -18.69 28.46
N TYR A 69 -30.29 -19.13 27.57
CA TYR A 69 -29.93 -20.09 26.53
C TYR A 69 -29.65 -19.43 25.19
N LYS A 70 -29.74 -18.11 25.11
CA LYS A 70 -29.55 -17.39 23.86
C LYS A 70 -28.07 -17.25 23.55
N THR A 71 -27.67 -17.65 22.35
CA THR A 71 -26.27 -17.59 21.96
C THR A 71 -26.05 -16.48 20.95
N ARG A 72 -24.77 -16.16 20.74
CA ARG A 72 -24.33 -15.11 19.83
C ARG A 72 -23.79 -15.71 18.54
N SER A 73 -24.42 -16.77 18.04
CA SER A 73 -23.82 -17.56 16.97
C SER A 73 -23.91 -16.85 15.62
N GLU A 74 -24.91 -16.01 15.40
CA GLU A 74 -25.04 -15.37 14.10
C GLU A 74 -24.17 -14.12 14.00
N SER A 75 -23.84 -13.52 15.13
CA SER A 75 -23.07 -12.28 15.13
C SER A 75 -21.58 -12.50 14.89
N THR A 76 -21.10 -13.74 14.81
CA THR A 76 -19.68 -13.96 14.57
C THR A 76 -19.29 -13.58 13.15
N LEU A 77 -17.99 -13.35 12.95
CA LEU A 77 -17.49 -12.82 11.69
C LEU A 77 -17.65 -13.77 10.53
N GLU A 78 -17.69 -15.08 10.79
CA GLU A 78 -17.91 -16.02 9.69
C GLU A 78 -19.34 -15.94 9.18
N SER A 79 -20.29 -15.57 10.04
CA SER A 79 -21.67 -15.37 9.60
C SER A 79 -22.02 -13.92 9.39
N PHE A 80 -21.23 -12.98 9.91
CA PHE A 80 -21.47 -11.57 9.61
C PHE A 80 -21.06 -11.24 8.18
N PHE A 81 -20.06 -11.93 7.66
CA PHE A 81 -19.67 -11.80 6.27
C PHE A 81 -20.13 -12.97 5.41
N GLY A 82 -21.03 -13.80 5.94
CA GLY A 82 -21.44 -14.99 5.22
C GLY A 82 -22.55 -14.79 4.22
N ARG A 83 -22.43 -13.75 3.40
CA ARG A 83 -23.38 -13.48 2.34
C ARG A 83 -22.61 -13.18 1.07
N SER A 84 -23.17 -13.58 -0.07
CA SER A 84 -22.55 -13.26 -1.36
C SER A 84 -23.02 -11.87 -1.78
N ALA A 85 -22.23 -10.86 -1.46
CA ALA A 85 -22.58 -9.48 -1.76
C ALA A 85 -22.32 -9.18 -3.23
N CYS A 86 -22.75 -8.00 -3.67
CA CYS A 86 -22.50 -7.54 -5.02
C CYS A 86 -21.42 -6.47 -4.99
N VAL A 87 -20.46 -6.54 -5.91
CA VAL A 87 -19.36 -5.60 -5.88
C VAL A 87 -19.31 -4.74 -7.14
N THR A 88 -19.85 -5.24 -8.25
CA THR A 88 -19.87 -4.47 -9.49
C THR A 88 -20.90 -5.07 -10.45
N ILE A 89 -21.14 -4.34 -11.54
CA ILE A 89 -22.00 -4.78 -12.64
C ILE A 89 -21.23 -4.55 -13.92
N LEU A 90 -20.98 -5.62 -14.67
CA LEU A 90 -20.21 -5.55 -15.90
C LEU A 90 -21.10 -5.79 -17.11
N GLU A 91 -20.84 -5.03 -18.18
CA GLU A 91 -21.63 -5.09 -19.40
C GLU A 91 -20.73 -5.46 -20.58
N VAL A 92 -21.11 -6.52 -21.30
CA VAL A 92 -20.51 -6.86 -22.58
C VAL A 92 -21.64 -7.00 -23.60
N GLU A 93 -21.28 -6.89 -24.87
CA GLU A 93 -22.24 -7.06 -25.96
C GLU A 93 -21.65 -8.02 -26.99
N ASN A 94 -22.43 -8.24 -28.06
CA ASN A 94 -22.03 -9.19 -29.10
C ASN A 94 -22.76 -8.78 -30.38
N PHE A 95 -22.05 -8.13 -31.29
CA PHE A 95 -22.63 -7.73 -32.57
C PHE A 95 -21.51 -7.51 -33.57
N ASN A 96 -21.92 -7.23 -34.81
CA ASN A 96 -20.99 -6.96 -35.91
C ASN A 96 -20.41 -5.57 -35.70
N ALA A 97 -19.21 -5.51 -35.13
CA ALA A 97 -18.60 -4.23 -34.82
C ALA A 97 -17.94 -3.64 -36.06
N THR A 98 -18.24 -2.38 -36.35
CA THR A 98 -17.65 -1.68 -37.47
C THR A 98 -16.69 -0.59 -37.02
N THR A 99 -17.14 0.35 -36.18
CA THR A 99 -16.28 1.41 -35.70
C THR A 99 -15.38 0.90 -34.58
N ASP A 100 -14.62 1.80 -33.97
CA ASP A 100 -13.73 1.42 -32.89
C ASP A 100 -14.42 1.38 -31.54
N ALA A 101 -15.40 2.26 -31.32
CA ALA A 101 -16.15 2.20 -30.07
C ALA A 101 -17.02 0.95 -30.00
N ASP A 102 -17.44 0.43 -31.16
CA ASP A 102 -18.17 -0.83 -31.19
C ASP A 102 -17.27 -2.02 -30.92
N ARG A 103 -15.96 -1.91 -31.14
CA ARG A 103 -15.06 -2.99 -30.80
C ARG A 103 -14.67 -2.99 -29.33
N LYS A 104 -14.88 -1.88 -28.62
CA LYS A 104 -14.65 -1.87 -27.19
C LYS A 104 -15.89 -2.21 -26.38
N LYS A 105 -17.03 -2.39 -27.05
CA LYS A 105 -18.20 -2.99 -26.40
C LYS A 105 -18.15 -4.51 -26.42
N GLN A 106 -17.23 -5.08 -27.19
CA GLN A 106 -17.14 -6.53 -27.33
C GLN A 106 -16.53 -7.21 -26.11
N PHE A 107 -15.83 -6.46 -25.26
CA PHE A 107 -15.28 -7.03 -24.04
C PHE A 107 -15.29 -5.96 -22.96
N THR A 108 -14.97 -6.38 -21.74
CA THR A 108 -14.90 -5.45 -20.62
C THR A 108 -13.85 -5.94 -19.64
N THR A 109 -12.88 -5.09 -19.31
CA THR A 109 -11.86 -5.39 -18.33
C THR A 109 -12.16 -4.61 -17.06
N TRP A 110 -12.30 -5.31 -15.95
CA TRP A 110 -12.62 -4.69 -14.67
C TRP A 110 -11.47 -4.90 -13.70
N ALA A 111 -10.97 -3.82 -13.13
CA ALA A 111 -10.00 -3.93 -12.05
C ALA A 111 -10.69 -4.44 -10.80
N ILE A 112 -10.17 -5.51 -10.22
CA ILE A 112 -10.82 -6.18 -9.11
C ILE A 112 -10.64 -5.35 -7.85
N THR A 113 -11.76 -4.94 -7.24
CA THR A 113 -11.78 -4.26 -5.96
C THR A 113 -13.14 -4.47 -5.32
N TYR A 114 -13.21 -4.21 -4.02
CA TYR A 114 -14.45 -4.32 -3.28
C TYR A 114 -15.11 -2.97 -3.04
N THR A 115 -14.58 -1.90 -3.64
CA THR A 115 -15.00 -0.55 -3.33
C THR A 115 -15.95 0.04 -4.36
N ASP A 116 -16.35 -0.72 -5.38
CA ASP A 116 -17.25 -0.20 -6.39
C ASP A 116 -18.71 -0.23 -5.98
N THR A 117 -19.03 -0.78 -4.82
CA THR A 117 -20.32 -0.60 -4.18
C THR A 117 -20.09 -0.03 -2.78
N VAL A 118 -21.18 0.18 -2.05
CA VAL A 118 -21.15 0.86 -0.76
C VAL A 118 -21.69 0.02 0.37
N GLN A 119 -21.96 -1.26 0.15
CA GLN A 119 -22.49 -2.09 1.22
C GLN A 119 -21.55 -3.19 1.68
N LEU A 120 -20.84 -3.87 0.79
CA LEU A 120 -19.79 -4.78 1.26
C LEU A 120 -18.58 -4.00 1.72
N ARG A 121 -18.38 -2.80 1.17
CA ARG A 121 -17.30 -1.93 1.63
C ARG A 121 -17.51 -1.48 3.07
N ARG A 122 -18.73 -1.10 3.40
CA ARG A 122 -19.01 -0.58 4.74
C ARG A 122 -18.94 -1.67 5.79
N LYS A 123 -19.27 -2.91 5.42
CA LYS A 123 -19.11 -4.03 6.33
C LYS A 123 -17.65 -4.40 6.53
N LEU A 124 -16.78 -4.07 5.58
CA LEU A 124 -15.35 -4.35 5.72
C LEU A 124 -14.56 -3.20 6.31
N GLU A 125 -15.07 -1.98 6.28
CA GLU A 125 -14.40 -0.87 6.92
C GLU A 125 -14.80 -0.71 8.39
N PHE A 126 -15.43 -1.72 8.97
CA PHE A 126 -15.39 -1.87 10.42
C PHE A 126 -13.98 -2.19 10.90
N PHE A 127 -13.17 -2.85 10.09
CA PHE A 127 -11.93 -3.44 10.54
C PHE A 127 -10.76 -2.90 9.74
N THR A 128 -9.63 -2.72 10.41
CA THR A 128 -8.46 -2.20 9.75
C THR A 128 -7.81 -3.26 8.87
N TYR A 129 -7.58 -4.45 9.40
CA TYR A 129 -6.90 -5.51 8.68
C TYR A 129 -7.76 -6.75 8.68
N SER A 130 -7.76 -7.48 7.57
CA SER A 130 -8.55 -8.70 7.47
C SER A 130 -7.81 -9.75 6.66
N ARG A 131 -8.25 -11.00 6.82
CA ARG A 131 -7.60 -12.14 6.19
C ARG A 131 -8.69 -13.16 5.86
N PHE A 132 -8.96 -13.36 4.58
CA PHE A 132 -10.10 -14.18 4.20
C PHE A 132 -9.90 -14.77 2.82
N ASP A 133 -10.33 -16.02 2.66
CA ASP A 133 -10.39 -16.65 1.34
C ASP A 133 -11.69 -16.23 0.67
N LEU A 134 -11.60 -15.78 -0.57
CA LEU A 134 -12.69 -15.10 -1.23
C LEU A 134 -13.38 -16.07 -2.19
N GLU A 135 -14.71 -16.04 -2.20
CA GLU A 135 -15.51 -16.96 -3.02
C GLU A 135 -16.44 -16.15 -3.89
N MET A 136 -16.30 -16.30 -5.20
CA MET A 136 -17.02 -15.48 -6.16
C MET A 136 -18.03 -16.31 -6.95
N THR A 137 -19.11 -15.64 -7.38
CA THR A 137 -20.13 -16.30 -8.20
C THR A 137 -20.70 -15.27 -9.15
N PHE A 138 -20.96 -15.68 -10.39
CA PHE A 138 -21.18 -14.76 -11.50
C PHE A 138 -22.58 -14.96 -12.06
N VAL A 139 -23.48 -14.02 -11.81
CA VAL A 139 -24.87 -14.16 -12.21
C VAL A 139 -25.14 -13.26 -13.41
N ILE A 140 -25.51 -13.86 -14.53
CA ILE A 140 -25.35 -13.26 -15.84
C ILE A 140 -26.68 -13.29 -16.58
N THR A 141 -27.08 -12.14 -17.13
CA THR A 141 -28.31 -12.00 -17.90
C THR A 141 -28.03 -11.57 -19.33
N GLU A 142 -29.06 -11.66 -20.17
CA GLU A 142 -28.95 -11.30 -21.58
C GLU A 142 -30.22 -10.61 -22.04
N ARG A 143 -30.13 -9.94 -23.19
CA ARG A 143 -31.31 -9.40 -23.86
C ARG A 143 -31.00 -9.20 -25.34
N TYR A 144 -32.06 -9.13 -26.15
CA TYR A 144 -31.91 -8.63 -27.51
C TYR A 144 -31.88 -7.10 -27.49
N TYR A 145 -31.00 -6.52 -28.31
CA TYR A 145 -30.95 -5.07 -28.39
C TYR A 145 -32.04 -4.54 -29.32
N ALA A 146 -31.97 -4.90 -30.59
CA ALA A 146 -33.00 -4.52 -31.55
C ALA A 146 -34.07 -5.61 -31.57
N SER A 147 -35.06 -5.44 -32.45
CA SER A 147 -36.22 -6.31 -32.49
C SER A 147 -36.23 -7.26 -33.67
N ASN A 148 -35.94 -6.78 -34.87
CA ASN A 148 -36.11 -7.55 -36.10
C ASN A 148 -34.78 -7.77 -36.83
N THR A 149 -33.73 -8.07 -36.08
CA THR A 149 -32.42 -8.34 -36.67
C THR A 149 -32.06 -9.82 -36.53
N GLY A 150 -33.04 -10.68 -36.70
CA GLY A 150 -32.80 -12.11 -36.68
C GLY A 150 -32.80 -12.71 -35.30
N HIS A 151 -31.95 -13.71 -35.07
CA HIS A 151 -31.87 -14.40 -33.80
C HIS A 151 -30.41 -14.71 -33.51
N ALA A 152 -30.19 -15.58 -32.53
CA ALA A 152 -28.84 -15.89 -32.08
C ALA A 152 -28.85 -17.26 -31.44
N ARG A 153 -27.69 -17.90 -31.41
CA ARG A 153 -27.56 -19.19 -30.78
C ARG A 153 -27.29 -18.99 -29.29
N ASN A 154 -27.12 -20.10 -28.57
CA ASN A 154 -26.80 -20.00 -27.15
C ASN A 154 -25.34 -19.58 -27.00
N GLN A 155 -25.04 -18.93 -25.88
CA GLN A 155 -23.76 -18.24 -25.76
C GLN A 155 -22.90 -18.78 -24.62
N VAL A 156 -21.59 -18.70 -24.83
CA VAL A 156 -20.58 -19.12 -23.87
C VAL A 156 -19.77 -17.88 -23.51
N TYR A 157 -19.57 -17.65 -22.21
CA TYR A 157 -18.90 -16.45 -21.73
C TYR A 157 -17.57 -16.81 -21.09
N GLN A 158 -16.51 -16.16 -21.55
CA GLN A 158 -15.20 -16.25 -20.93
C GLN A 158 -15.05 -15.24 -19.82
N LEU A 159 -14.51 -15.68 -18.69
CA LEU A 159 -14.13 -14.76 -17.63
C LEU A 159 -12.71 -15.13 -17.21
N MET A 160 -11.77 -14.24 -17.48
CA MET A 160 -10.35 -14.54 -17.32
C MET A 160 -9.75 -13.66 -16.24
N TYR A 161 -9.14 -14.30 -15.24
CA TYR A 161 -8.49 -13.60 -14.15
CA TYR A 161 -8.49 -13.61 -14.14
C TYR A 161 -7.07 -13.26 -14.57
N ILE A 162 -6.79 -11.97 -14.74
CA ILE A 162 -5.49 -11.50 -15.18
C ILE A 162 -4.72 -11.00 -13.95
N PRO A 163 -3.67 -11.69 -13.52
CA PRO A 163 -2.82 -11.16 -12.45
C PRO A 163 -2.04 -9.95 -12.91
N PRO A 164 -1.50 -9.13 -11.99
CA PRO A 164 -0.75 -7.95 -12.41
C PRO A 164 0.54 -8.29 -13.14
N GLY A 165 0.57 -8.02 -14.44
CA GLY A 165 1.73 -8.35 -15.24
C GLY A 165 1.40 -9.06 -16.53
N ALA A 166 0.38 -9.92 -16.48
CA ALA A 166 -0.12 -10.56 -17.67
C ALA A 166 -0.77 -9.53 -18.58
N PRO A 167 -0.69 -9.69 -19.91
CA PRO A 167 -1.14 -8.63 -20.82
C PRO A 167 -2.66 -8.50 -20.85
N ARG A 168 -3.15 -7.30 -20.58
CA ARG A 168 -4.58 -7.05 -20.69
C ARG A 168 -4.99 -7.03 -22.16
N PRO A 169 -6.19 -7.50 -22.49
CA PRO A 169 -6.57 -7.61 -23.90
C PRO A 169 -6.82 -6.27 -24.56
N THR A 170 -6.28 -6.13 -25.77
CA THR A 170 -6.50 -4.93 -26.56
C THR A 170 -7.78 -5.03 -27.38
N ALA A 171 -7.95 -6.11 -28.11
CA ALA A 171 -9.19 -6.42 -28.81
C ALA A 171 -9.82 -7.65 -28.17
N TRP A 172 -11.02 -8.00 -28.65
CA TRP A 172 -11.75 -9.07 -28.00
C TRP A 172 -11.31 -10.45 -28.45
N ASP A 173 -10.43 -10.55 -29.45
CA ASP A 173 -10.03 -11.85 -29.99
C ASP A 173 -8.52 -11.93 -30.20
N ASP A 174 -7.75 -11.28 -29.36
CA ASP A 174 -6.31 -11.23 -29.57
C ASP A 174 -5.65 -12.46 -28.94
N TYR A 175 -4.32 -12.43 -28.84
CA TYR A 175 -3.55 -13.54 -28.29
C TYR A 175 -3.76 -13.72 -26.80
N THR A 176 -4.34 -12.73 -26.11
CA THR A 176 -4.40 -12.75 -24.66
C THR A 176 -5.53 -13.61 -24.13
N TRP A 177 -6.60 -13.78 -24.90
CA TRP A 177 -7.75 -14.50 -24.39
C TRP A 177 -7.57 -16.01 -24.37
N GLN A 178 -6.51 -16.53 -24.99
CA GLN A 178 -6.39 -17.97 -25.08
C GLN A 178 -5.98 -18.61 -23.76
N SER A 179 -5.34 -17.84 -22.88
CA SER A 179 -5.23 -18.13 -21.45
C SER A 179 -4.50 -19.45 -21.17
N SER A 180 -3.24 -19.50 -21.59
CA SER A 180 -2.45 -20.70 -21.35
C SER A 180 -2.06 -20.85 -19.90
N SER A 181 -2.08 -19.78 -19.12
CA SER A 181 -1.80 -19.87 -17.70
C SER A 181 -2.74 -19.06 -16.83
N ASN A 182 -3.51 -18.13 -17.40
CA ASN A 182 -4.45 -17.36 -16.61
C ASN A 182 -5.68 -18.21 -16.29
N PRO A 183 -6.22 -18.12 -15.08
CA PRO A 183 -7.43 -18.90 -14.74
C PRO A 183 -8.64 -18.34 -15.47
N SER A 184 -9.25 -19.15 -16.32
CA SER A 184 -10.43 -18.77 -17.05
C SER A 184 -11.58 -19.74 -16.75
N VAL A 185 -12.80 -19.22 -16.78
CA VAL A 185 -14.01 -20.02 -16.66
C VAL A 185 -14.86 -19.73 -17.88
N PHE A 186 -15.52 -20.77 -18.41
CA PHE A 186 -16.36 -20.65 -19.60
C PHE A 186 -17.79 -21.01 -19.21
N TYR A 187 -18.60 -19.99 -18.99
CA TYR A 187 -19.99 -20.17 -18.60
C TYR A 187 -20.89 -20.26 -19.82
N THR A 188 -21.49 -21.42 -20.02
CA THR A 188 -22.56 -21.55 -20.99
C THR A 188 -23.81 -20.89 -20.45
N TYR A 189 -24.39 -19.97 -21.23
CA TYR A 189 -25.55 -19.23 -20.77
C TYR A 189 -26.76 -20.15 -20.64
N GLY A 190 -27.42 -20.07 -19.48
CA GLY A 190 -28.55 -20.93 -19.16
C GLY A 190 -28.24 -21.96 -18.10
N SER A 191 -26.98 -22.10 -17.69
CA SER A 191 -26.61 -23.06 -16.67
C SER A 191 -26.68 -22.41 -15.30
N ALA A 192 -26.29 -23.17 -14.28
CA ALA A 192 -26.09 -22.60 -12.96
C ALA A 192 -24.90 -21.64 -13.00
N PRO A 193 -24.95 -20.54 -12.23
CA PRO A 193 -23.89 -19.51 -12.28
C PRO A 193 -22.55 -20.07 -11.85
N PRO A 194 -21.47 -19.67 -12.52
CA PRO A 194 -20.16 -20.24 -12.20
C PRO A 194 -19.66 -19.70 -10.86
N ARG A 195 -19.02 -20.59 -10.11
CA ARG A 195 -18.53 -20.27 -8.78
C ARG A 195 -17.09 -20.75 -8.66
N MET A 196 -16.27 -19.98 -7.94
CA MET A 196 -14.89 -20.38 -7.67
C MET A 196 -14.43 -19.72 -6.39
N SER A 197 -13.39 -20.29 -5.79
CA SER A 197 -12.82 -19.76 -4.55
C SER A 197 -11.41 -19.26 -4.81
N ILE A 198 -11.17 -18.00 -4.50
CA ILE A 198 -9.85 -17.39 -4.62
C ILE A 198 -9.23 -17.35 -3.22
N PRO A 199 -8.02 -17.84 -3.04
CA PRO A 199 -7.43 -17.83 -1.69
C PRO A 199 -7.00 -16.46 -1.24
N TYR A 200 -6.40 -16.41 -0.05
CA TYR A 200 -5.75 -15.20 0.42
C TYR A 200 -4.54 -14.91 -0.45
N VAL A 201 -4.65 -13.89 -1.30
CA VAL A 201 -3.61 -13.57 -2.26
C VAL A 201 -2.88 -12.29 -1.88
N GLY A 202 -2.98 -11.84 -0.64
CA GLY A 202 -2.32 -10.61 -0.25
C GLY A 202 -0.84 -10.84 -0.05
N ILE A 203 -0.04 -9.82 -0.40
CA ILE A 203 1.39 -9.89 -0.16
C ILE A 203 1.76 -9.45 1.25
N ALA A 204 0.84 -8.86 1.98
CA ALA A 204 1.04 -8.61 3.39
C ALA A 204 0.56 -9.83 4.16
N ASN A 205 0.55 -9.77 5.48
CA ASN A 205 -0.03 -10.84 6.26
C ASN A 205 -1.52 -10.67 6.51
N ALA A 206 -2.11 -9.61 5.94
CA ALA A 206 -3.54 -9.30 6.00
C ALA A 206 -3.80 -8.22 4.98
N TYR A 207 -5.04 -8.13 4.50
CA TYR A 207 -5.40 -7.08 3.57
C TYR A 207 -5.54 -5.78 4.34
N SER A 208 -4.72 -4.80 4.02
CA SER A 208 -4.87 -3.48 4.62
C SER A 208 -6.07 -2.81 3.98
N HIS A 209 -7.19 -2.75 4.71
CA HIS A 209 -8.33 -1.98 4.25
C HIS A 209 -8.00 -0.50 4.19
N PHE A 210 -7.29 -0.01 5.18
CA PHE A 210 -6.82 1.38 5.22
C PHE A 210 -5.31 1.39 5.30
N TYR A 211 -4.69 2.11 4.39
CA TYR A 211 -3.23 2.24 4.34
C TYR A 211 -2.88 3.71 4.45
N ASP A 212 -2.22 4.09 5.55
CA ASP A 212 -1.90 5.49 5.80
C ASP A 212 -0.46 5.74 5.37
N GLY A 213 -0.27 5.84 4.06
CA GLY A 213 1.06 6.10 3.55
C GLY A 213 1.04 6.05 2.04
N PHE A 214 2.17 6.44 1.46
CA PHE A 214 2.27 6.52 0.02
C PHE A 214 2.87 5.24 -0.55
N ALA A 215 3.24 5.30 -1.83
CA ALA A 215 3.99 4.22 -2.45
C ALA A 215 5.47 4.50 -2.54
N ARG A 216 5.88 5.76 -2.45
CA ARG A 216 7.30 6.12 -2.54
C ARG A 216 7.55 7.35 -1.70
N VAL A 217 8.83 7.71 -1.59
CA VAL A 217 9.28 8.85 -0.79
C VAL A 217 9.78 9.93 -1.75
N PRO A 218 9.12 11.07 -1.85
CA PRO A 218 9.63 12.16 -2.68
C PRO A 218 10.84 12.83 -2.03
N LEU A 219 11.99 12.69 -2.67
CA LEU A 219 13.27 13.08 -2.10
C LEU A 219 13.50 14.58 -2.24
N LYS A 220 14.56 15.03 -1.57
CA LYS A 220 14.94 16.44 -1.62
C LYS A 220 15.57 16.76 -2.95
N ASP A 221 15.13 17.88 -3.54
CA ASP A 221 15.66 18.43 -4.80
C ASP A 221 15.54 17.44 -5.94
N GLU A 222 14.40 16.77 -6.04
CA GLU A 222 14.14 15.94 -7.20
C GLU A 222 13.85 16.80 -8.43
N THR A 223 14.37 16.38 -9.57
CA THR A 223 13.88 16.86 -10.85
C THR A 223 12.71 16.02 -11.33
N VAL A 224 12.33 15.00 -10.57
CA VAL A 224 11.20 14.16 -10.93
C VAL A 224 9.89 14.92 -10.74
N ASP A 225 9.78 15.65 -9.64
CA ASP A 225 8.60 16.44 -9.24
C ASP A 225 7.34 15.57 -9.19
N SER A 226 7.35 14.61 -8.29
CA SER A 226 6.18 13.78 -8.02
C SER A 226 5.29 14.50 -7.01
N GLY A 227 4.76 15.63 -7.46
CA GLY A 227 3.78 16.38 -6.70
C GLY A 227 2.38 16.01 -7.15
N ASP A 228 2.21 14.79 -7.65
CA ASP A 228 0.90 14.23 -7.92
C ASP A 228 0.91 12.74 -7.56
N THR A 229 1.48 12.41 -6.41
CA THR A 229 1.38 11.04 -5.92
C THR A 229 0.11 10.93 -5.09
N TYR A 230 -0.71 9.93 -5.38
CA TYR A 230 -2.00 9.80 -4.71
C TYR A 230 -1.82 9.33 -3.28
N TYR A 231 -2.69 9.83 -2.40
CA TYR A 231 -2.61 9.50 -1.00
C TYR A 231 -3.10 8.10 -0.72
N GLY A 232 -2.47 7.45 0.24
CA GLY A 232 -3.15 6.44 1.02
C GLY A 232 -3.28 5.12 0.32
N LEU A 233 -4.51 4.61 0.32
CA LEU A 233 -4.77 3.20 0.06
C LEU A 233 -4.48 2.81 -1.38
N VAL A 234 -4.90 3.64 -2.34
CA VAL A 234 -5.06 3.19 -3.71
C VAL A 234 -3.73 3.03 -4.45
N THR A 235 -2.62 3.38 -3.82
CA THR A 235 -1.32 3.23 -4.46
C THR A 235 -0.61 1.93 -4.10
N ILE A 236 -1.25 1.02 -3.37
CA ILE A 236 -0.63 -0.26 -3.07
C ILE A 236 -1.45 -1.45 -3.58
N ASN A 237 -2.73 -1.29 -3.87
CA ASN A 237 -3.58 -2.42 -4.21
C ASN A 237 -3.58 -2.65 -5.72
N ASP A 238 -2.99 -3.77 -6.13
CA ASP A 238 -3.22 -4.39 -7.43
C ASP A 238 -3.66 -5.82 -7.16
N PHE A 239 -4.96 -6.09 -7.33
CA PHE A 239 -5.43 -7.45 -7.14
C PHE A 239 -5.67 -8.19 -8.44
N GLY A 240 -5.78 -7.49 -9.55
CA GLY A 240 -5.85 -8.16 -10.82
C GLY A 240 -6.78 -7.43 -11.76
N THR A 241 -7.22 -8.15 -12.79
CA THR A 241 -8.14 -7.61 -13.78
C THR A 241 -9.01 -8.75 -14.27
N LEU A 242 -10.33 -8.59 -14.16
CA LEU A 242 -11.28 -9.60 -14.63
C LEU A 242 -11.76 -9.17 -16.01
N ALA A 243 -11.25 -9.82 -17.05
CA ALA A 243 -11.56 -9.48 -18.43
C ALA A 243 -12.55 -10.49 -18.97
N VAL A 244 -13.66 -10.00 -19.52
CA VAL A 244 -14.79 -10.82 -19.92
C VAL A 244 -15.06 -10.60 -21.40
N ARG A 245 -15.06 -11.67 -22.18
CA ARG A 245 -15.51 -11.57 -23.56
C ARG A 245 -16.68 -12.51 -23.78
N VAL A 246 -17.29 -12.39 -24.95
CA VAL A 246 -18.26 -13.34 -25.45
C VAL A 246 -17.55 -14.21 -26.47
N VAL A 247 -17.55 -15.53 -26.25
CA VAL A 247 -16.65 -16.41 -26.98
C VAL A 247 -17.18 -16.64 -28.40
N ASN A 248 -18.48 -16.47 -28.61
CA ASN A 248 -19.08 -16.51 -29.93
C ASN A 248 -18.54 -15.43 -30.85
N GLU A 249 -18.70 -15.65 -32.15
CA GLU A 249 -18.54 -14.58 -33.12
C GLU A 249 -19.84 -13.76 -33.16
N TYR A 250 -19.92 -12.84 -34.11
CA TYR A 250 -21.06 -11.93 -34.14
C TYR A 250 -22.29 -12.63 -34.69
N ASN A 251 -23.36 -12.62 -33.91
CA ASN A 251 -24.66 -13.06 -34.33
C ASN A 251 -25.32 -11.97 -35.16
N PRO A 252 -26.37 -12.30 -35.92
CA PRO A 252 -27.11 -11.22 -36.61
C PRO A 252 -27.84 -10.29 -35.66
N ALA A 253 -28.24 -10.76 -34.49
CA ALA A 253 -28.95 -9.94 -33.51
C ALA A 253 -28.00 -9.52 -32.41
N ARG A 254 -28.00 -8.23 -32.11
CA ARG A 254 -27.12 -7.68 -31.09
C ARG A 254 -27.57 -8.12 -29.71
N ILE A 255 -26.72 -8.86 -29.00
CA ILE A 255 -27.05 -9.42 -27.70
C ILE A 255 -26.29 -8.60 -26.66
N THR A 256 -27.02 -7.87 -25.82
CA THR A 256 -26.42 -7.07 -24.76
C THR A 256 -26.52 -7.83 -23.45
N SER A 257 -25.38 -8.04 -22.80
CA SER A 257 -25.31 -8.83 -21.58
C SER A 257 -24.96 -7.96 -20.38
N LYS A 258 -25.34 -8.44 -19.20
CA LYS A 258 -25.00 -7.83 -17.93
C LYS A 258 -24.48 -8.90 -16.99
N ILE A 259 -23.37 -8.62 -16.32
CA ILE A 259 -22.70 -9.59 -15.45
C ILE A 259 -22.50 -8.95 -14.09
N ARG A 260 -22.91 -9.66 -13.04
CA ARG A 260 -22.87 -9.16 -11.67
C ARG A 260 -21.87 -9.99 -10.88
N VAL A 261 -20.65 -9.47 -10.76
CA VAL A 261 -19.59 -10.14 -10.03
C VAL A 261 -19.88 -10.08 -8.54
N TYR A 262 -19.79 -11.22 -7.87
CA TYR A 262 -20.10 -11.31 -6.45
C TYR A 262 -18.86 -11.70 -5.66
N MET A 263 -18.89 -11.38 -4.37
CA MET A 263 -17.85 -11.79 -3.45
C MET A 263 -18.51 -12.26 -2.17
N LYS A 264 -17.88 -13.25 -1.52
CA LYS A 264 -18.34 -13.77 -0.24
C LYS A 264 -17.10 -14.14 0.55
N PRO A 265 -16.69 -13.29 1.50
CA PRO A 265 -15.50 -13.61 2.32
C PRO A 265 -15.81 -14.77 3.23
N LYS A 266 -15.02 -15.84 3.11
CA LYS A 266 -15.10 -16.95 4.03
C LYS A 266 -13.72 -17.20 4.63
N HIS A 267 -13.71 -17.99 5.70
CA HIS A 267 -12.55 -18.20 6.57
C HIS A 267 -12.02 -16.87 7.08
N VAL A 268 -12.93 -16.06 7.62
CA VAL A 268 -12.68 -14.65 7.86
C VAL A 268 -11.99 -14.45 9.20
N ARG A 269 -10.91 -13.67 9.19
CA ARG A 269 -10.34 -13.12 10.41
C ARG A 269 -10.22 -11.62 10.22
N CYS A 270 -10.34 -10.86 11.30
CA CYS A 270 -10.23 -9.41 11.22
C CYS A 270 -9.47 -8.89 12.43
N TRP A 271 -8.88 -7.72 12.26
CA TRP A 271 -8.09 -7.09 13.31
C TRP A 271 -8.41 -5.60 13.39
N CYS A 272 -8.22 -5.03 14.59
CA CYS A 272 -8.16 -3.60 14.86
C CYS A 272 -9.41 -2.85 14.43
N PRO A 273 -10.50 -2.94 15.18
CA PRO A 273 -11.78 -2.41 14.73
C PRO A 273 -11.82 -0.90 14.67
N ARG A 274 -12.75 -0.38 13.86
CA ARG A 274 -12.88 1.03 13.54
C ARG A 274 -14.36 1.38 13.55
N PRO A 275 -14.69 2.68 13.65
CA PRO A 275 -16.09 3.06 13.53
C PRO A 275 -16.57 2.92 12.09
N PRO A 276 -17.86 2.67 11.89
CA PRO A 276 -18.37 2.46 10.54
C PRO A 276 -18.61 3.78 9.81
N ARG A 277 -18.72 3.65 8.49
CA ARG A 277 -18.88 4.80 7.62
C ARG A 277 -20.24 5.45 7.83
N ALA A 278 -20.25 6.75 8.11
CA ALA A 278 -21.49 7.47 8.40
C ALA A 278 -21.98 8.26 7.20
N VAL A 279 -21.17 9.17 6.68
CA VAL A 279 -21.51 9.99 5.52
C VAL A 279 -21.19 9.20 4.26
N PRO A 280 -21.80 9.50 3.12
CA PRO A 280 -21.55 8.72 1.91
C PRO A 280 -20.14 8.90 1.37
N TYR A 281 -19.80 8.01 0.44
CA TYR A 281 -18.51 8.01 -0.21
C TYR A 281 -18.53 8.94 -1.42
N ARG A 282 -17.35 9.27 -1.93
CA ARG A 282 -17.25 9.93 -3.21
C ARG A 282 -16.10 9.37 -4.04
N GLY A 283 -15.48 8.30 -3.60
CA GLY A 283 -14.42 7.71 -4.37
C GLY A 283 -13.95 6.43 -3.77
N GLU A 284 -12.75 6.03 -4.17
CA GLU A 284 -12.12 4.82 -3.65
C GLU A 284 -11.40 5.05 -2.34
N GLY A 285 -11.28 6.29 -1.89
CA GLY A 285 -10.65 6.62 -0.63
C GLY A 285 -11.66 6.80 0.47
N VAL A 286 -11.24 7.52 1.50
CA VAL A 286 -12.08 7.75 2.67
C VAL A 286 -12.74 9.11 2.56
N ASP A 287 -12.73 9.67 1.36
CA ASP A 287 -13.19 11.03 1.12
C ASP A 287 -14.70 11.14 1.32
N PHE A 288 -15.18 12.38 1.39
CA PHE A 288 -16.60 12.61 1.61
C PHE A 288 -17.03 13.90 0.93
N LYS A 289 -18.20 13.86 0.32
CA LYS A 289 -18.66 14.96 -0.53
C LYS A 289 -19.33 16.01 0.35
N GLN A 290 -19.32 17.27 -0.13
CA GLN A 290 -19.72 18.40 0.71
C GLN A 290 -21.22 18.39 1.01
N ASP A 291 -22.04 18.02 0.04
CA ASP A 291 -23.49 18.14 0.23
C ASP A 291 -24.08 17.05 1.12
N SER A 292 -23.28 16.12 1.63
CA SER A 292 -23.76 15.06 2.51
C SER A 292 -22.81 14.88 3.69
N ILE A 293 -22.42 16.00 4.31
CA ILE A 293 -21.67 15.97 5.55
C ILE A 293 -22.57 16.03 6.77
N THR A 294 -23.89 15.93 6.58
CA THR A 294 -24.88 16.08 7.64
C THR A 294 -25.69 14.80 7.75
N PRO A 295 -25.18 13.78 8.43
CA PRO A 295 -25.91 12.50 8.49
C PRO A 295 -27.08 12.52 9.45
N LEU A 296 -27.00 13.30 10.52
CA LEU A 296 -28.07 13.31 11.51
C LEU A 296 -29.27 14.11 11.02
N THR A 297 -30.40 13.87 11.68
CA THR A 297 -31.59 14.69 11.54
C THR A 297 -31.83 15.37 12.90
N ALA A 298 -32.01 16.68 12.88
CA ALA A 298 -32.13 17.43 14.12
C ALA A 298 -33.46 17.14 14.79
N VAL A 299 -33.41 16.76 16.07
CA VAL A 299 -34.60 16.49 16.86
C VAL A 299 -35.26 17.80 17.26
N GLU A 300 -36.48 17.71 17.78
CA GLU A 300 -37.22 18.91 18.20
C GLU A 300 -36.52 19.61 19.35
N ASN A 301 -36.36 18.92 20.47
CA ASN A 301 -35.51 19.39 21.55
C ASN A 301 -34.84 18.19 22.19
N ILE A 302 -34.14 18.41 23.30
CA ILE A 302 -33.43 17.32 23.94
C ILE A 302 -34.39 16.39 24.67
N ASN A 303 -35.62 16.84 24.95
CA ASN A 303 -36.58 16.09 25.75
C ASN A 303 -37.64 15.41 24.89
N THR A 304 -37.28 14.89 23.74
CA THR A 304 -38.22 14.27 22.82
C THR A 304 -38.04 12.75 22.89
N PHE A 305 -39.06 12.07 23.41
CA PHE A 305 -39.06 10.61 23.47
C PHE A 305 -39.21 10.04 22.08
N GLY B 8 -0.90 1.66 50.54
CA GLY B 8 0.09 2.71 50.47
C GLY B 8 0.18 3.39 49.11
N TYR B 9 0.16 2.58 48.07
CA TYR B 9 0.26 3.08 46.70
C TYR B 9 -1.12 3.44 46.15
N SER B 10 -1.12 4.30 45.14
CA SER B 10 -2.34 4.79 44.53
C SER B 10 -2.22 4.73 43.02
N ASP B 11 -3.37 4.79 42.35
CA ASP B 11 -3.40 4.78 40.90
C ASP B 11 -3.10 6.15 40.29
N ARG B 12 -2.97 7.19 41.11
CA ARG B 12 -2.84 8.55 40.61
C ARG B 12 -1.40 9.04 40.54
N VAL B 13 -0.44 8.29 41.05
CA VAL B 13 0.96 8.69 41.04
C VAL B 13 1.71 7.65 40.22
N ARG B 14 2.37 8.08 39.16
CA ARG B 14 2.99 7.16 38.20
C ARG B 14 4.27 7.77 37.65
N GLN B 15 5.36 7.02 37.73
CA GLN B 15 6.62 7.38 37.12
C GLN B 15 6.94 6.43 35.98
N ILE B 16 7.24 6.99 34.81
CA ILE B 16 7.61 6.22 33.64
C ILE B 16 9.02 6.62 33.24
N THR B 17 9.91 5.65 33.13
CA THR B 17 11.29 5.91 32.74
C THR B 17 11.62 5.05 31.54
N LEU B 18 12.18 5.68 30.50
CA LEU B 18 12.73 4.96 29.36
C LEU B 18 14.00 5.66 28.94
N GLY B 19 15.09 4.90 28.87
CA GLY B 19 16.37 5.45 28.49
C GLY B 19 16.92 6.41 29.53
N ASN B 20 17.08 7.67 29.16
CA ASN B 20 17.50 8.68 30.11
C ASN B 20 16.46 9.78 30.21
N SER B 21 15.20 9.39 30.27
CA SER B 21 14.09 10.34 30.34
C SER B 21 13.05 9.81 31.30
N THR B 22 12.38 10.72 31.99
CA THR B 22 11.49 10.34 33.07
C THR B 22 10.28 11.25 33.07
N ILE B 23 9.09 10.66 33.13
CA ILE B 23 7.86 11.40 33.36
C ILE B 23 7.28 10.97 34.70
N THR B 24 7.12 11.94 35.59
CA THR B 24 6.35 11.74 36.81
C THR B 24 5.06 12.53 36.70
N THR B 25 4.02 12.03 37.35
CA THR B 25 2.72 12.69 37.34
C THR B 25 1.97 12.32 38.59
N GLN B 26 1.33 13.32 39.21
CA GLN B 26 0.75 13.16 40.53
C GLN B 26 -0.77 13.22 40.52
N GLU B 27 -1.39 13.42 39.35
CA GLU B 27 -2.84 13.42 39.23
C GLU B 27 -3.24 12.64 37.99
N ALA B 28 -2.69 11.45 37.82
CA ALA B 28 -2.93 10.69 36.61
C ALA B 28 -4.10 9.74 36.77
N ALA B 29 -4.70 9.40 35.63
CA ALA B 29 -5.60 8.27 35.57
C ALA B 29 -4.78 7.02 35.23
N ASN B 30 -5.45 5.89 35.07
CA ASN B 30 -4.75 4.65 34.79
C ASN B 30 -4.29 4.64 33.33
N ALA B 31 -3.31 3.80 33.03
CA ALA B 31 -2.72 3.76 31.70
C ALA B 31 -3.33 2.68 30.84
N VAL B 32 -3.49 2.96 29.56
CA VAL B 32 -4.11 2.03 28.60
C VAL B 32 -3.01 1.38 27.78
N VAL B 33 -2.83 0.08 27.98
CA VAL B 33 -2.06 -0.74 27.06
C VAL B 33 -2.98 -1.07 25.89
N ALA B 34 -2.59 -0.66 24.69
CA ALA B 34 -3.48 -0.72 23.53
C ALA B 34 -3.68 -2.16 23.09
N TYR B 35 -4.95 -2.60 23.10
CA TYR B 35 -5.38 -3.94 22.72
C TYR B 35 -4.72 -5.02 23.57
N GLY B 36 -4.36 -4.68 24.80
CA GLY B 36 -3.85 -5.64 25.76
C GLY B 36 -2.51 -6.24 25.44
N GLU B 37 -1.68 -5.59 24.62
CA GLU B 37 -0.38 -6.14 24.28
C GLU B 37 0.70 -5.07 24.45
N TRP B 38 1.69 -5.39 25.24
CA TRP B 38 2.89 -4.62 25.44
C TRP B 38 3.82 -4.81 24.25
N PRO B 39 4.48 -3.75 23.78
CA PRO B 39 5.28 -3.88 22.55
C PRO B 39 6.56 -4.67 22.77
N SER B 40 6.97 -5.39 21.74
CA SER B 40 8.11 -6.28 21.84
C SER B 40 8.88 -6.26 20.51
N TYR B 41 10.06 -6.85 20.54
CA TYR B 41 10.86 -6.95 19.32
C TYR B 41 10.26 -8.00 18.39
N LEU B 42 10.69 -7.94 17.13
CA LEU B 42 10.25 -8.89 16.12
C LEU B 42 10.83 -10.27 16.42
N ASP B 43 9.98 -11.26 16.58
CA ASP B 43 10.44 -12.60 16.89
C ASP B 43 10.98 -13.25 15.62
N ASP B 44 11.82 -14.28 15.81
CA ASP B 44 12.46 -14.92 14.67
C ASP B 44 11.50 -15.76 13.85
N LYS B 45 10.35 -16.13 14.41
CA LYS B 45 9.38 -16.90 13.66
C LYS B 45 8.50 -16.03 12.77
N GLU B 46 8.74 -14.72 12.73
CA GLU B 46 7.90 -13.81 11.95
C GLU B 46 8.72 -12.82 11.14
N ALA B 47 10.04 -13.01 11.01
CA ALA B 47 10.90 -11.97 10.48
C ALA B 47 10.80 -11.88 8.97
N ASN B 48 10.54 -10.68 8.47
CA ASN B 48 10.48 -10.47 7.03
C ASN B 48 11.86 -10.25 6.40
N PRO B 49 12.74 -9.35 6.85
CA PRO B 49 14.04 -9.23 6.18
C PRO B 49 15.05 -10.19 6.79
N ILE B 50 16.17 -10.37 6.10
CA ILE B 50 17.20 -11.28 6.57
C ILE B 50 18.50 -10.56 6.89
N ASP B 51 18.52 -9.24 6.86
CA ASP B 51 19.74 -8.53 7.22
C ASP B 51 19.89 -8.44 8.72
N ALA B 52 21.00 -7.89 9.17
CA ALA B 52 21.26 -7.77 10.60
C ALA B 52 20.51 -6.57 11.16
N PRO B 53 19.62 -6.75 12.13
CA PRO B 53 18.82 -5.63 12.60
C PRO B 53 19.57 -4.74 13.59
N THR B 54 19.40 -3.43 13.41
CA THR B 54 19.94 -2.45 14.32
C THR B 54 18.94 -2.22 15.44
N GLU B 55 19.38 -2.41 16.68
CA GLU B 55 18.55 -2.19 17.87
C GLU B 55 19.12 -1.01 18.64
N PRO B 56 18.66 0.21 18.40
CA PRO B 56 19.14 1.36 19.17
C PRO B 56 18.60 1.35 20.58
N ASP B 57 19.34 0.70 21.47
CA ASP B 57 18.81 0.21 22.74
C ASP B 57 18.33 1.33 23.65
N VAL B 58 19.15 2.37 23.85
CA VAL B 58 18.74 3.45 24.74
C VAL B 58 18.85 4.79 24.03
N SER B 59 19.42 4.79 22.83
CA SER B 59 19.61 6.05 22.13
C SER B 59 18.34 6.58 21.51
N SER B 60 17.32 5.75 21.36
CA SER B 60 16.07 6.21 20.76
C SER B 60 14.83 5.69 21.48
N ASN B 61 14.98 4.87 22.51
CA ASN B 61 13.84 4.44 23.30
C ASN B 61 13.69 5.34 24.52
N ARG B 62 13.40 6.61 24.26
CA ARG B 62 13.33 7.61 25.31
C ARG B 62 12.26 8.62 24.97
N PHE B 63 11.84 9.40 25.97
CA PHE B 63 10.77 10.35 25.77
C PHE B 63 11.23 11.57 24.99
N TYR B 64 10.43 11.96 24.01
CA TYR B 64 10.66 13.16 23.21
C TYR B 64 9.48 14.09 23.41
N THR B 65 9.77 15.35 23.74
CA THR B 65 8.74 16.34 24.01
C THR B 65 8.50 17.19 22.77
N LEU B 66 7.26 17.17 22.27
CA LEU B 66 6.91 17.93 21.07
C LEU B 66 6.66 19.38 21.42
N ASP B 67 6.07 20.13 20.49
CA ASP B 67 5.69 21.50 20.75
C ASP B 67 4.35 21.56 21.45
N SER B 68 4.20 22.55 22.32
CA SER B 68 3.00 22.70 23.13
C SER B 68 2.00 23.55 22.36
N VAL B 69 0.92 22.92 21.89
CA VAL B 69 -0.16 23.68 21.31
C VAL B 69 -1.03 24.27 22.42
N GLN B 70 -1.71 25.36 22.11
CA GLN B 70 -2.52 26.07 23.09
C GLN B 70 -3.98 25.73 22.86
N TRP B 71 -4.65 25.27 23.91
CA TRP B 71 -6.04 24.84 23.83
C TRP B 71 -6.94 25.96 24.31
N LYS B 72 -7.45 26.75 23.36
CA LYS B 72 -8.32 27.88 23.64
C LYS B 72 -9.74 27.40 23.88
N SER B 73 -10.68 28.32 23.97
CA SER B 73 -12.09 27.95 24.04
C SER B 73 -12.66 27.64 22.67
N THR B 74 -11.98 28.06 21.60
CA THR B 74 -12.42 27.80 20.24
C THR B 74 -11.54 26.79 19.54
N SER B 75 -10.65 26.11 20.27
CA SER B 75 -9.80 25.10 19.67
C SER B 75 -10.62 23.85 19.38
N ARG B 76 -10.44 23.29 18.18
CA ARG B 76 -11.36 22.26 17.71
C ARG B 76 -10.75 20.87 17.65
N GLY B 77 -9.45 20.74 17.73
CA GLY B 77 -8.82 19.43 17.70
C GLY B 77 -7.40 19.49 17.20
N TRP B 78 -6.68 18.38 17.40
CA TRP B 78 -5.33 18.25 16.89
C TRP B 78 -5.09 16.84 16.41
N TRP B 79 -4.13 16.68 15.51
CA TRP B 79 -3.76 15.37 15.01
C TRP B 79 -2.27 15.31 14.77
N TRP B 80 -1.68 14.16 15.09
CA TRP B 80 -0.29 13.85 14.81
C TRP B 80 -0.21 12.45 14.21
N LYS B 81 0.59 12.29 13.16
CA LYS B 81 0.92 10.96 12.67
C LYS B 81 2.15 10.48 13.41
N LEU B 82 2.05 9.31 14.02
CA LEU B 82 2.94 8.99 15.12
C LEU B 82 4.36 8.56 14.75
N PRO B 83 4.64 7.69 13.77
CA PRO B 83 6.04 7.44 13.43
C PRO B 83 6.67 8.51 12.56
N ASP B 84 5.98 9.63 12.35
CA ASP B 84 6.50 10.70 11.53
C ASP B 84 6.45 12.04 12.25
N ALA B 85 5.79 12.11 13.40
CA ALA B 85 5.97 13.26 14.27
C ALA B 85 7.30 13.21 15.01
N LEU B 86 7.96 12.06 15.03
CA LEU B 86 9.28 11.91 15.63
C LEU B 86 10.38 11.87 14.58
N LYS B 87 10.12 12.42 13.39
CA LYS B 87 11.06 12.28 12.27
C LYS B 87 12.32 13.10 12.44
N ASP B 88 12.33 14.05 13.36
CA ASP B 88 13.47 14.93 13.54
C ASP B 88 13.77 15.07 15.03
N MET B 89 13.77 13.94 15.73
CA MET B 89 13.88 13.89 17.18
C MET B 89 15.06 13.02 17.59
N GLY B 90 16.23 13.64 17.71
CA GLY B 90 17.35 12.94 18.32
C GLY B 90 17.95 11.91 17.40
N MET B 91 18.09 10.69 17.90
CA MET B 91 18.63 9.61 17.09
C MET B 91 17.54 8.74 16.46
N PHE B 92 16.30 8.82 16.95
CA PHE B 92 15.22 8.11 16.30
C PHE B 92 14.94 8.72 14.93
N GLY B 93 15.16 10.01 14.77
CA GLY B 93 15.14 10.61 13.45
C GLY B 93 16.37 10.33 12.62
N GLN B 94 17.42 9.78 13.24
CA GLN B 94 18.59 9.33 12.51
C GLN B 94 18.63 7.83 12.33
N ASN B 95 17.96 7.08 13.20
CA ASN B 95 17.75 5.66 12.95
C ASN B 95 16.73 5.45 11.85
N MET B 96 15.84 6.41 11.65
CA MET B 96 14.73 6.23 10.72
C MET B 96 15.19 6.37 9.28
N TYR B 97 15.85 7.47 8.95
CA TYR B 97 16.13 7.73 7.55
C TYR B 97 17.39 7.03 7.05
N TYR B 98 18.18 6.44 7.92
CA TYR B 98 19.25 5.57 7.48
C TYR B 98 18.82 4.11 7.38
N HIS B 99 17.54 3.81 7.44
CA HIS B 99 17.11 2.42 7.36
C HIS B 99 15.82 2.31 6.53
N TYR B 100 15.70 1.19 5.83
CA TYR B 100 14.55 0.98 4.96
C TYR B 100 13.36 0.42 5.70
N LEU B 101 13.60 -0.32 6.77
CA LEU B 101 12.53 -0.93 7.53
C LEU B 101 12.57 -0.39 8.95
N GLY B 102 11.41 -0.39 9.59
CA GLY B 102 11.37 0.04 10.96
C GLY B 102 10.05 -0.26 11.64
N ARG B 103 10.13 -0.90 12.80
CA ARG B 103 8.99 -1.10 13.67
C ARG B 103 9.28 -0.45 15.01
N SER B 104 8.24 -0.02 15.69
CA SER B 104 8.42 0.71 16.94
C SER B 104 7.15 0.65 17.77
N GLY B 105 7.29 0.31 19.03
CA GLY B 105 6.22 0.56 19.98
C GLY B 105 6.31 1.96 20.52
N TYR B 106 5.24 2.41 21.17
CA TYR B 106 5.17 3.80 21.58
C TYR B 106 4.58 3.94 22.98
N THR B 107 4.94 5.02 23.66
CA THR B 107 4.37 5.40 24.95
C THR B 107 3.98 6.86 24.82
N VAL B 108 2.75 7.09 24.41
CA VAL B 108 2.25 8.45 24.23
C VAL B 108 1.79 8.97 25.58
N HIS B 109 2.28 10.14 25.97
CA HIS B 109 1.92 10.76 27.23
C HIS B 109 1.53 12.21 26.93
N VAL B 110 0.26 12.54 27.12
CA VAL B 110 -0.29 13.85 26.78
C VAL B 110 -0.50 14.64 28.05
N GLN B 111 0.03 15.86 28.08
CA GLN B 111 0.16 16.64 29.31
C GLN B 111 -0.64 17.92 29.19
N CYS B 112 -1.68 18.06 30.03
CA CYS B 112 -2.49 19.27 30.06
C CYS B 112 -3.10 19.40 31.44
N ASN B 113 -2.85 20.53 32.11
CA ASN B 113 -3.32 20.71 33.47
C ASN B 113 -3.82 22.13 33.68
N ALA B 114 -4.78 22.26 34.59
CA ALA B 114 -5.39 23.53 34.92
C ALA B 114 -5.63 23.57 36.42
N SER B 115 -6.39 24.56 36.85
CA SER B 115 -6.71 24.69 38.26
C SER B 115 -7.89 23.79 38.58
N LYS B 116 -8.43 23.93 39.78
CA LYS B 116 -9.67 23.25 40.13
C LYS B 116 -10.90 24.07 39.77
N PHE B 117 -10.72 25.25 39.20
CA PHE B 117 -11.85 26.07 38.79
C PHE B 117 -12.12 25.99 37.29
N HIS B 118 -11.20 25.43 36.51
CA HIS B 118 -11.42 25.25 35.08
C HIS B 118 -12.32 24.04 34.84
N GLN B 119 -12.64 23.82 33.58
CA GLN B 119 -13.39 22.63 33.18
C GLN B 119 -13.09 22.35 31.71
N GLY B 120 -13.25 21.09 31.33
CA GLY B 120 -13.02 20.70 29.96
C GLY B 120 -12.69 19.24 29.86
N ALA B 121 -12.78 18.73 28.63
CA ALA B 121 -12.50 17.33 28.37
C ALA B 121 -11.68 17.23 27.11
N LEU B 122 -10.79 16.24 27.07
CA LEU B 122 -9.88 16.05 25.94
C LEU B 122 -9.87 14.57 25.60
N GLY B 123 -10.53 14.20 24.51
CA GLY B 123 -10.45 12.82 24.09
C GLY B 123 -9.12 12.55 23.42
N VAL B 124 -8.22 11.86 24.10
CA VAL B 124 -6.92 11.50 23.54
C VAL B 124 -7.04 10.12 22.92
N PHE B 125 -6.85 10.03 21.61
CA PHE B 125 -7.06 8.79 20.88
C PHE B 125 -5.73 8.28 20.35
N ALA B 126 -5.78 7.09 19.74
CA ALA B 126 -4.62 6.53 19.07
C ALA B 126 -5.15 5.57 18.02
N ILE B 127 -5.17 6.01 16.77
CA ILE B 127 -5.97 5.38 15.72
C ILE B 127 -5.04 4.61 14.78
N PRO B 128 -5.19 3.29 14.65
CA PRO B 128 -4.39 2.54 13.68
C PRO B 128 -4.84 2.87 12.27
N GLU B 129 -3.86 3.20 11.42
CA GLU B 129 -4.06 3.53 10.01
C GLU B 129 -5.02 4.70 9.85
N TYR B 130 -4.61 5.86 10.37
CA TYR B 130 -5.50 7.02 10.44
C TYR B 130 -5.50 7.72 9.08
N VAL B 131 -6.23 7.13 8.16
CA VAL B 131 -6.32 7.61 6.79
C VAL B 131 -7.36 8.72 6.75
N MET B 132 -6.96 9.91 6.32
CA MET B 132 -7.85 11.07 6.32
C MET B 132 -8.27 11.41 4.90
N ALA B 133 -9.20 12.35 4.80
CA ALA B 133 -9.78 12.74 3.52
C ALA B 133 -9.11 13.99 2.96
N CYS B 134 -9.05 14.06 1.64
CA CYS B 134 -8.47 15.21 0.96
C CYS B 134 -9.44 16.38 1.00
N ASN B 135 -8.89 17.59 0.83
CA ASN B 135 -9.64 18.83 0.91
C ASN B 135 -9.94 19.38 -0.48
N THR B 136 -10.21 18.50 -1.43
CA THR B 136 -10.62 18.90 -2.77
C THR B 136 -11.60 17.87 -3.30
N GLU B 137 -12.49 18.34 -4.19
CA GLU B 137 -13.43 17.44 -4.86
C GLU B 137 -13.10 17.29 -6.34
N ALA B 138 -11.93 17.76 -6.76
CA ALA B 138 -11.49 17.50 -8.12
C ALA B 138 -11.04 16.05 -8.27
N LYS B 139 -10.27 15.54 -7.32
CA LYS B 139 -9.70 14.20 -7.38
C LYS B 139 -9.94 13.51 -6.05
N THR B 140 -9.69 12.20 -6.01
CA THR B 140 -9.88 11.40 -4.81
C THR B 140 -8.56 10.77 -4.38
N SER B 141 -8.45 10.54 -3.06
CA SER B 141 -7.24 10.04 -2.40
C SER B 141 -6.03 10.89 -2.75
N TYR B 142 -6.16 12.19 -2.57
CA TYR B 142 -5.32 13.16 -3.26
C TYR B 142 -4.74 14.16 -2.27
N VAL B 143 -3.64 13.77 -1.61
CA VAL B 143 -2.97 14.60 -0.63
C VAL B 143 -1.48 14.60 -0.99
N SER B 144 -0.81 15.75 -0.84
CA SER B 144 0.62 15.80 -1.08
C SER B 144 1.40 15.16 0.06
N TYR B 145 2.72 15.22 -0.01
CA TYR B 145 3.54 14.61 1.02
C TYR B 145 3.81 15.56 2.17
N VAL B 146 4.06 16.82 1.87
CA VAL B 146 4.37 17.79 2.91
C VAL B 146 3.12 18.10 3.73
N ASN B 147 1.97 18.19 3.07
CA ASN B 147 0.73 18.48 3.77
C ASN B 147 0.22 17.30 4.57
N ALA B 148 0.62 16.07 4.22
CA ALA B 148 0.21 14.90 4.98
C ALA B 148 1.17 14.54 6.08
N ASN B 149 2.37 15.11 6.08
CA ASN B 149 3.42 14.75 7.05
C ASN B 149 4.06 16.02 7.59
N PRO B 150 3.40 16.71 8.52
CA PRO B 150 3.96 17.95 9.02
C PRO B 150 5.10 17.72 10.00
N GLY B 151 5.05 16.60 10.69
CA GLY B 151 6.12 16.23 11.61
C GLY B 151 5.83 16.69 13.03
N GLU B 152 6.71 17.56 13.55
CA GLU B 152 6.64 17.98 14.95
C GLU B 152 5.37 18.75 15.25
N LYS B 153 5.05 19.74 14.42
CA LYS B 153 3.98 20.68 14.73
C LYS B 153 2.59 20.06 14.62
N GLY B 154 2.44 18.99 13.84
CA GLY B 154 1.14 18.38 13.69
C GLY B 154 0.20 19.24 12.87
N GLY B 155 -1.09 18.97 13.06
CA GLY B 155 -2.14 19.72 12.40
C GLY B 155 -3.29 19.97 13.34
N VAL B 156 -4.27 20.72 12.84
CA VAL B 156 -5.46 21.06 13.62
C VAL B 156 -6.68 20.58 12.86
N PHE B 157 -7.77 20.37 13.60
CA PHE B 157 -9.05 20.06 13.00
C PHE B 157 -9.79 21.35 12.68
N ASP B 158 -11.01 21.23 12.17
CA ASP B 158 -11.80 22.39 11.82
C ASP B 158 -13.27 21.99 11.88
N ASN B 159 -14.11 22.95 12.27
CA ASN B 159 -15.54 22.72 12.36
C ASN B 159 -16.28 23.13 11.09
N ALA B 160 -15.61 23.13 9.95
CA ALA B 160 -16.23 23.49 8.69
C ALA B 160 -15.48 22.82 7.56
N TYR B 161 -16.22 22.26 6.62
CA TYR B 161 -15.66 21.59 5.45
C TYR B 161 -15.77 22.55 4.27
N ASN B 162 -14.66 23.17 3.90
CA ASN B 162 -14.59 24.07 2.74
C ASN B 162 -13.62 23.48 1.73
N PRO B 163 -14.11 22.68 0.78
CA PRO B 163 -13.21 22.12 -0.24
C PRO B 163 -12.82 23.19 -1.24
N SER B 164 -11.52 23.42 -1.35
CA SER B 164 -11.02 24.41 -2.29
C SER B 164 -11.13 23.87 -3.71
N ALA B 165 -11.65 24.69 -4.61
CA ALA B 165 -11.77 24.29 -6.01
C ALA B 165 -10.41 24.18 -6.69
N GLU B 166 -9.39 24.83 -6.15
CA GLU B 166 -8.04 24.65 -6.64
C GLU B 166 -7.54 23.25 -6.30
N ALA B 167 -6.96 22.58 -7.28
CA ALA B 167 -6.22 21.35 -7.01
C ALA B 167 -4.86 21.63 -6.39
N SER B 168 -4.43 22.89 -6.37
CA SER B 168 -3.20 23.27 -5.69
C SER B 168 -3.37 23.21 -4.18
N GLU B 169 -4.28 24.03 -3.66
CA GLU B 169 -4.48 24.18 -2.22
C GLU B 169 -5.44 23.14 -1.66
N GLY B 170 -5.86 22.17 -2.46
CA GLY B 170 -6.68 21.07 -2.02
C GLY B 170 -5.94 19.79 -1.77
N ARG B 171 -4.61 19.80 -1.84
CA ARG B 171 -3.82 18.60 -1.58
C ARG B 171 -3.47 18.46 -0.10
N LYS B 172 -4.47 18.57 0.77
CA LYS B 172 -4.23 18.52 2.20
C LYS B 172 -5.41 17.84 2.87
N PHE B 173 -5.23 17.54 4.15
CA PHE B 173 -6.26 16.83 4.89
C PHE B 173 -7.45 17.73 5.19
N ALA B 174 -8.64 17.28 4.81
CA ALA B 174 -9.89 17.97 5.15
C ALA B 174 -10.27 17.59 6.58
N ALA B 175 -9.54 18.17 7.52
CA ALA B 175 -9.59 17.77 8.92
C ALA B 175 -10.87 18.32 9.54
N LEU B 176 -11.96 17.58 9.34
CA LEU B 176 -13.26 17.94 9.89
C LEU B 176 -13.45 17.21 11.21
N ASP B 177 -13.87 17.93 12.24
CA ASP B 177 -13.77 17.40 13.60
C ASP B 177 -14.84 16.36 13.88
N TYR B 178 -16.10 16.64 13.56
CA TYR B 178 -17.16 15.70 13.89
C TYR B 178 -17.17 14.48 13.00
N LEU B 179 -16.60 14.57 11.81
CA LEU B 179 -16.39 13.40 10.99
C LEU B 179 -15.00 12.82 11.14
N LEU B 180 -14.20 13.38 12.05
CA LEU B 180 -12.91 12.83 12.52
C LEU B 180 -11.91 12.67 11.36
N GLY B 181 -12.08 13.44 10.30
CA GLY B 181 -11.29 13.31 9.10
C GLY B 181 -11.78 12.30 8.11
N CYS B 182 -12.03 11.06 8.55
CA CYS B 182 -12.31 9.97 7.64
C CYS B 182 -13.79 9.70 7.47
N GLY B 183 -14.64 10.61 7.90
CA GLY B 183 -16.06 10.44 7.66
C GLY B 183 -16.75 9.43 8.55
N VAL B 184 -16.21 9.13 9.72
CA VAL B 184 -16.93 8.39 10.74
C VAL B 184 -17.23 9.36 11.86
N LEU B 185 -18.32 9.13 12.58
CA LEU B 185 -18.73 10.07 13.61
C LEU B 185 -17.79 10.00 14.81
N ALA B 186 -17.53 11.16 15.41
CA ALA B 186 -16.55 11.25 16.48
C ALA B 186 -17.02 10.58 17.76
N GLY B 187 -18.32 10.43 17.95
CA GLY B 187 -18.84 9.73 19.10
C GLY B 187 -18.66 8.24 19.07
N ASN B 188 -18.17 7.70 17.96
CA ASN B 188 -17.86 6.29 17.85
C ASN B 188 -16.37 6.02 17.94
N ALA B 189 -15.56 7.06 18.14
CA ALA B 189 -14.12 6.92 18.16
C ALA B 189 -13.60 6.27 19.43
N PHE B 190 -14.47 5.93 20.37
CA PHE B 190 -14.05 5.27 21.60
C PHE B 190 -13.78 3.78 21.41
N VAL B 191 -13.98 3.24 20.21
CA VAL B 191 -13.54 1.87 19.93
C VAL B 191 -12.05 1.78 19.72
N TYR B 192 -11.36 2.90 19.62
CA TYR B 192 -9.91 2.93 19.60
C TYR B 192 -9.38 2.92 21.02
N PRO B 193 -8.08 2.64 21.21
CA PRO B 193 -7.47 2.88 22.53
C PRO B 193 -7.46 4.36 22.84
N HIS B 194 -8.15 4.75 23.92
CA HIS B 194 -8.40 6.15 24.20
C HIS B 194 -8.31 6.40 25.69
N GLN B 195 -7.97 7.64 26.05
CA GLN B 195 -8.23 8.15 27.38
C GLN B 195 -8.77 9.56 27.26
N ILE B 196 -9.51 9.97 28.29
CA ILE B 196 -10.14 11.27 28.33
C ILE B 196 -9.48 12.06 29.46
N ILE B 197 -8.78 13.14 29.09
CA ILE B 197 -8.30 14.08 30.10
C ILE B 197 -9.49 14.92 30.54
N ASN B 198 -9.88 14.78 31.80
CA ASN B 198 -10.94 15.59 32.38
C ASN B 198 -10.30 16.46 33.45
N LEU B 199 -10.48 17.77 33.34
CA LEU B 199 -9.76 18.72 34.17
C LEU B 199 -10.25 18.79 35.61
N ARG B 200 -11.23 17.99 36.00
CA ARG B 200 -11.50 17.81 37.41
C ARG B 200 -10.94 16.51 37.96
N THR B 201 -10.69 15.52 37.11
CA THR B 201 -10.20 14.23 37.56
C THR B 201 -8.71 14.06 37.35
N ASN B 202 -8.22 14.26 36.13
CA ASN B 202 -6.83 13.96 35.85
C ASN B 202 -6.16 15.12 35.12
N ASN B 203 -4.86 14.96 34.88
CA ASN B 203 -4.11 15.95 34.10
C ASN B 203 -3.10 15.32 33.14
N SER B 204 -3.16 14.01 32.92
CA SER B 204 -2.23 13.37 31.99
C SER B 204 -2.89 12.12 31.43
N ALA B 205 -2.66 11.86 30.15
CA ALA B 205 -3.17 10.69 29.48
C ALA B 205 -2.01 9.86 28.97
N THR B 206 -1.88 8.63 29.46
CA THR B 206 -0.78 7.75 29.09
C THR B 206 -1.31 6.55 28.33
N LEU B 207 -0.83 6.37 27.11
CA LEU B 207 -1.13 5.18 26.32
C LEU B 207 0.14 4.43 26.03
N VAL B 208 0.02 3.13 25.84
CA VAL B 208 1.15 2.28 25.47
C VAL B 208 0.76 1.58 24.18
N LEU B 209 1.46 1.91 23.11
CA LEU B 209 1.03 1.53 21.77
C LEU B 209 1.99 0.51 21.18
N PRO B 210 1.57 -0.73 20.92
CA PRO B 210 2.45 -1.68 20.26
C PRO B 210 2.55 -1.39 18.77
N TYR B 211 3.45 -2.07 18.11
CA TYR B 211 3.57 -1.94 16.66
C TYR B 211 2.40 -2.66 16.01
N VAL B 212 1.53 -1.91 15.36
CA VAL B 212 0.36 -2.46 14.70
C VAL B 212 0.47 -2.18 13.22
N ASN B 213 0.64 -3.25 12.44
CA ASN B 213 0.68 -3.20 10.98
C ASN B 213 0.46 -4.61 10.48
N SER B 214 -0.06 -4.72 9.25
CA SER B 214 -0.24 -6.03 8.62
C SER B 214 1.09 -6.70 8.37
N LEU B 215 2.09 -5.93 7.95
CA LEU B 215 3.42 -6.47 7.74
C LEU B 215 4.10 -6.72 9.07
N ALA B 216 5.22 -7.45 9.01
CA ALA B 216 6.03 -7.60 10.21
C ALA B 216 6.80 -6.33 10.49
N ILE B 217 7.40 -5.74 9.45
CA ILE B 217 8.16 -4.51 9.57
C ILE B 217 8.00 -3.76 8.26
N ASP B 218 8.01 -2.43 8.33
CA ASP B 218 7.59 -1.63 7.20
C ASP B 218 8.41 -0.34 7.17
N CYS B 219 8.37 0.35 6.04
CA CYS B 219 9.07 1.61 5.89
CA CYS B 219 9.07 1.62 5.90
C CYS B 219 8.40 2.68 6.73
N MET B 220 9.14 3.30 7.64
CA MET B 220 8.57 4.39 8.41
C MET B 220 8.46 5.67 7.57
N ALA B 221 9.29 5.80 6.55
CA ALA B 221 9.27 7.01 5.75
C ALA B 221 8.04 7.08 4.86
N LYS B 222 7.55 5.93 4.40
CA LYS B 222 6.34 5.86 3.59
C LYS B 222 5.10 5.80 4.47
N HIS B 223 5.05 4.87 5.40
CA HIS B 223 3.85 4.40 6.05
C HIS B 223 3.76 4.95 7.45
N ASN B 224 2.64 5.57 7.79
CA ASN B 224 2.41 6.13 9.13
C ASN B 224 1.43 5.21 9.85
N ASN B 225 1.92 4.58 10.92
CA ASN B 225 1.19 3.50 11.56
C ASN B 225 0.01 4.02 12.37
N TRP B 226 0.28 4.82 13.38
CA TRP B 226 -0.72 5.31 14.31
C TRP B 226 -1.12 6.73 13.98
N GLY B 227 -2.28 7.13 14.48
CA GLY B 227 -2.68 8.50 14.43
C GLY B 227 -3.09 9.00 15.81
N LEU B 228 -2.34 9.94 16.35
CA LEU B 228 -2.68 10.56 17.62
C LEU B 228 -3.72 11.65 17.38
N VAL B 229 -4.83 11.59 18.10
CA VAL B 229 -5.94 12.53 17.95
C VAL B 229 -6.33 13.05 19.31
N ILE B 230 -6.41 14.38 19.45
CA ILE B 230 -6.90 15.02 20.66
C ILE B 230 -8.11 15.88 20.28
N LEU B 231 -9.29 15.45 20.70
CA LEU B 231 -10.54 16.19 20.50
C LEU B 231 -10.98 16.87 21.78
N PRO B 232 -11.29 18.14 21.75
CA PRO B 232 -11.97 18.77 22.88
C PRO B 232 -13.45 18.38 22.85
N LEU B 233 -13.84 17.53 23.79
CA LEU B 233 -15.24 17.12 23.86
C LEU B 233 -16.09 18.23 24.49
N CYS B 234 -15.75 18.65 25.69
CA CYS B 234 -16.31 19.83 26.32
C CYS B 234 -15.26 20.92 26.30
N LYS B 235 -15.64 22.09 25.82
CA LYS B 235 -14.67 23.16 25.60
C LYS B 235 -14.18 23.74 26.92
N LEU B 236 -13.02 24.38 26.87
CA LEU B 236 -12.44 25.01 28.04
C LEU B 236 -13.27 26.21 28.45
N ASP B 237 -13.53 26.35 29.75
CA ASP B 237 -14.36 27.44 30.22
C ASP B 237 -13.85 27.85 31.60
N TYR B 238 -13.16 28.97 31.65
CA TYR B 238 -12.70 29.59 32.89
C TYR B 238 -13.53 30.85 33.10
N ALA B 239 -14.18 30.94 34.25
CA ALA B 239 -15.22 31.95 34.46
C ALA B 239 -14.73 33.39 34.57
N PRO B 240 -13.59 33.72 35.24
CA PRO B 240 -13.12 35.12 35.15
C PRO B 240 -12.63 35.50 33.76
N ASN B 241 -11.71 34.72 33.22
CA ASN B 241 -11.10 34.97 31.92
C ASN B 241 -11.62 33.89 30.97
N SER B 242 -12.61 34.24 30.15
CA SER B 242 -13.21 33.27 29.26
C SER B 242 -12.34 32.92 28.07
N SER B 243 -11.26 33.67 27.83
CA SER B 243 -10.39 33.46 26.68
C SER B 243 -9.00 33.05 27.11
N THR B 244 -8.90 32.27 28.18
CA THR B 244 -7.62 31.81 28.65
C THR B 244 -7.09 30.68 27.78
N GLU B 245 -5.81 30.36 27.96
CA GLU B 245 -5.16 29.30 27.19
C GLU B 245 -4.39 28.41 28.14
N ILE B 246 -4.70 27.12 28.15
CA ILE B 246 -3.87 26.17 28.86
C ILE B 246 -3.18 25.26 27.85
N PRO B 247 -1.89 25.00 28.01
CA PRO B 247 -1.14 24.28 26.97
C PRO B 247 -1.29 22.78 27.05
N ILE B 248 -1.43 22.16 25.90
CA ILE B 248 -1.33 20.71 25.76
C ILE B 248 0.04 20.39 25.21
N THR B 249 0.84 19.68 25.99
CA THR B 249 2.17 19.26 25.59
C THR B 249 2.16 17.75 25.41
N VAL B 250 2.65 17.28 24.27
CA VAL B 250 2.63 15.86 23.94
C VAL B 250 4.06 15.33 24.06
N THR B 251 4.23 14.29 24.86
CA THR B 251 5.54 13.68 25.07
C THR B 251 5.47 12.21 24.71
N ILE B 252 6.23 11.81 23.70
CA ILE B 252 6.13 10.50 23.07
C ILE B 252 7.48 9.82 23.17
N ALA B 253 7.48 8.53 23.49
CA ALA B 253 8.69 7.73 23.45
C ALA B 253 8.54 6.59 22.47
N PRO B 254 9.52 6.35 21.61
CA PRO B 254 9.56 5.07 20.91
C PRO B 254 9.89 3.96 21.88
N MET B 255 9.44 2.75 21.55
CA MET B 255 9.73 1.58 22.38
C MET B 255 10.06 0.41 21.48
N PHE B 256 11.11 -0.33 21.86
CA PHE B 256 11.47 -1.62 21.26
C PHE B 256 11.71 -1.51 19.76
N THR B 257 12.44 -0.47 19.36
CA THR B 257 12.62 -0.19 17.95
C THR B 257 13.58 -1.18 17.31
N GLU B 258 13.44 -1.35 16.00
CA GLU B 258 14.25 -2.29 15.25
C GLU B 258 14.25 -1.86 13.79
N PHE B 259 15.42 -1.82 13.18
CA PHE B 259 15.59 -1.22 11.87
C PHE B 259 16.37 -2.17 10.96
N ASN B 260 16.20 -2.02 9.66
CA ASN B 260 16.83 -2.89 8.68
C ASN B 260 17.17 -2.11 7.42
N GLY B 261 18.11 -2.65 6.64
CA GLY B 261 18.47 -2.06 5.37
C GLY B 261 19.21 -0.74 5.45
N LEU B 262 20.45 -0.78 5.93
CA LEU B 262 21.24 0.43 6.09
C LEU B 262 21.76 0.92 4.73
N ARG B 263 21.79 2.24 4.57
CA ARG B 263 22.23 2.90 3.35
C ARG B 263 22.55 4.35 3.70
N ASN B 264 22.72 5.20 2.69
CA ASN B 264 22.84 6.64 2.88
C ASN B 264 21.53 7.25 3.40
N ILE B 265 21.60 8.53 3.80
CA ILE B 265 20.48 9.17 4.46
C ILE B 265 19.37 9.46 3.46
N THR B 266 18.12 9.26 3.89
CA THR B 266 16.95 9.67 3.13
C THR B 266 16.56 11.08 3.55
N VAL B 267 16.55 12.01 2.60
CA VAL B 267 16.09 13.35 2.91
C VAL B 267 14.86 13.62 2.05
N PRO B 268 13.66 13.62 2.63
CA PRO B 268 12.45 13.85 1.83
C PRO B 268 12.35 15.30 1.38
N ALA B 269 11.40 15.53 0.48
CA ALA B 269 11.15 16.87 -0.01
C ALA B 269 10.47 17.71 1.06
N THR B 270 10.66 19.02 0.97
CA THR B 270 10.06 19.95 1.92
C THR B 270 9.04 20.88 1.29
N GLN B 271 8.72 20.70 0.01
CA GLN B 271 7.75 21.58 -0.65
C GLN B 271 7.01 20.83 -1.75
N GLY C 1 -33.24 -42.47 -8.01
CA GLY C 1 -32.27 -43.36 -7.38
C GLY C 1 -31.61 -42.72 -6.18
N LEU C 2 -31.08 -41.51 -6.36
CA LEU C 2 -30.44 -40.78 -5.29
C LEU C 2 -30.85 -39.33 -5.42
N PRO C 3 -31.41 -38.74 -4.38
CA PRO C 3 -31.78 -37.32 -4.45
C PRO C 3 -30.58 -36.39 -4.45
N THR C 4 -30.31 -35.72 -5.56
CA THR C 4 -29.19 -34.80 -5.63
C THR C 4 -29.69 -33.39 -5.94
N MET C 5 -28.80 -32.43 -5.73
CA MET C 5 -29.09 -31.02 -5.95
C MET C 5 -27.87 -30.36 -6.57
N LEU C 6 -28.09 -29.55 -7.60
CA LEU C 6 -27.00 -28.95 -8.36
C LEU C 6 -26.65 -27.60 -7.75
N THR C 7 -25.40 -27.46 -7.31
CA THR C 7 -24.92 -26.23 -6.71
C THR C 7 -24.61 -25.22 -7.80
N PRO C 8 -24.32 -23.96 -7.45
CA PRO C 8 -23.71 -23.07 -8.44
C PRO C 8 -22.33 -23.56 -8.85
N GLY C 9 -21.88 -23.10 -10.00
CA GLY C 9 -20.65 -23.58 -10.53
C GLY C 9 -20.72 -24.95 -11.17
N SER C 10 -21.91 -25.44 -11.47
CA SER C 10 -22.03 -26.68 -12.21
C SER C 10 -22.00 -26.39 -13.70
N SER C 11 -21.54 -27.38 -14.47
CA SER C 11 -21.44 -27.33 -15.94
C SER C 11 -20.58 -26.18 -16.43
N GLN C 12 -19.63 -25.74 -15.61
CA GLN C 12 -18.63 -24.77 -16.02
C GLN C 12 -17.38 -25.51 -16.45
N PHE C 13 -16.59 -24.84 -17.26
CA PHE C 13 -15.23 -25.28 -17.58
C PHE C 13 -14.25 -24.27 -17.04
N LEU C 14 -13.63 -24.61 -15.92
CA LEU C 14 -12.58 -23.79 -15.33
C LEU C 14 -11.24 -24.28 -15.86
N THR C 15 -10.41 -23.35 -16.32
CA THR C 15 -9.16 -23.76 -16.95
C THR C 15 -8.07 -24.13 -15.95
N SER C 16 -8.33 -24.04 -14.66
CA SER C 16 -7.37 -24.44 -13.65
C SER C 16 -7.98 -25.45 -12.68
N ASP C 17 -8.93 -26.24 -13.16
CA ASP C 17 -9.60 -27.21 -12.30
C ASP C 17 -8.74 -28.45 -12.12
N ASP C 18 -9.20 -29.35 -11.27
CA ASP C 18 -8.58 -30.66 -11.10
C ASP C 18 -9.71 -31.65 -10.96
N PHE C 19 -10.17 -32.20 -12.08
CA PHE C 19 -11.19 -33.23 -12.07
C PHE C 19 -10.68 -34.46 -12.81
N GLN C 20 -11.46 -35.52 -12.71
CA GLN C 20 -11.22 -36.76 -13.42
C GLN C 20 -11.98 -36.74 -14.74
N SER C 21 -11.67 -37.67 -15.62
CA SER C 21 -12.23 -37.65 -16.97
C SER C 21 -12.14 -39.04 -17.57
N PRO C 22 -13.07 -39.42 -18.43
CA PRO C 22 -13.00 -40.75 -19.05
C PRO C 22 -11.89 -40.82 -20.08
N CYS C 23 -11.08 -41.87 -19.99
CA CYS C 23 -9.97 -42.03 -20.90
C CYS C 23 -10.46 -42.50 -22.25
N ALA C 24 -10.12 -41.78 -23.30
CA ALA C 24 -10.62 -42.11 -24.63
C ALA C 24 -9.92 -43.31 -25.23
N LEU C 25 -8.80 -43.73 -24.67
CA LEU C 25 -8.07 -44.91 -25.12
C LEU C 25 -8.01 -45.88 -23.95
N PRO C 26 -9.03 -46.69 -23.76
CA PRO C 26 -9.02 -47.64 -22.63
C PRO C 26 -7.99 -48.73 -22.86
N ASN C 27 -7.26 -49.03 -21.78
CA ASN C 27 -6.20 -50.05 -21.76
CA ASN C 27 -6.20 -50.05 -21.76
C ASN C 27 -5.12 -49.75 -22.79
N PHE C 28 -4.45 -48.65 -22.62
CA PHE C 28 -3.36 -48.28 -23.50
C PHE C 28 -2.07 -48.64 -22.78
N ASP C 29 -1.41 -49.72 -23.23
CA ASP C 29 -0.18 -50.18 -22.61
C ASP C 29 0.95 -49.21 -22.88
N VAL C 30 1.19 -48.27 -21.96
CA VAL C 30 2.08 -47.16 -22.25
C VAL C 30 3.53 -47.65 -22.34
N THR C 31 4.34 -46.88 -23.05
CA THR C 31 5.72 -47.27 -23.31
C THR C 31 6.53 -47.17 -22.03
N PRO C 32 7.24 -48.24 -21.65
CA PRO C 32 7.89 -48.28 -20.34
C PRO C 32 9.04 -47.29 -20.23
N PRO C 33 9.16 -46.60 -19.11
CA PRO C 33 10.13 -45.51 -19.00
C PRO C 33 11.54 -46.02 -18.80
N ILE C 34 12.49 -45.21 -19.24
CA ILE C 34 13.91 -45.45 -19.01
C ILE C 34 14.48 -44.23 -18.31
N HIS C 35 15.65 -44.42 -17.70
CA HIS C 35 16.28 -43.37 -16.91
C HIS C 35 16.96 -42.39 -17.86
N ILE C 36 16.24 -41.35 -18.22
CA ILE C 36 16.81 -40.26 -19.00
C ILE C 36 17.56 -39.32 -18.06
N PRO C 37 18.78 -38.91 -18.38
CA PRO C 37 19.55 -38.05 -17.47
C PRO C 37 18.96 -36.66 -17.37
N GLY C 38 19.28 -35.99 -16.27
CA GLY C 38 18.93 -34.59 -16.07
C GLY C 38 17.45 -34.33 -15.91
N GLU C 39 16.82 -34.98 -14.94
CA GLU C 39 15.40 -34.81 -14.72
C GLU C 39 15.13 -33.58 -13.86
N VAL C 40 14.23 -32.73 -14.33
CA VAL C 40 13.81 -31.57 -13.58
C VAL C 40 12.60 -31.92 -12.75
N PHE C 41 12.65 -31.64 -11.45
CA PHE C 41 11.51 -31.88 -10.57
C PHE C 41 10.77 -30.62 -10.17
N ASN C 42 11.32 -29.44 -10.49
CA ASN C 42 10.74 -28.18 -10.03
C ASN C 42 11.31 -27.07 -10.88
N MET C 43 10.49 -26.06 -11.18
CA MET C 43 10.98 -24.92 -11.96
C MET C 43 11.93 -24.03 -11.18
N MET C 44 12.04 -24.21 -9.87
CA MET C 44 13.03 -23.46 -9.11
C MET C 44 14.39 -24.13 -9.11
N GLU C 45 14.50 -25.33 -9.70
CA GLU C 45 15.82 -25.87 -10.02
C GLU C 45 16.48 -25.06 -11.13
N LEU C 46 15.70 -24.36 -11.94
CA LEU C 46 16.23 -23.54 -13.01
C LEU C 46 16.49 -22.11 -12.59
N ALA C 47 15.95 -21.67 -11.47
CA ALA C 47 16.27 -20.34 -10.97
C ALA C 47 17.65 -20.29 -10.34
N GLU C 48 18.16 -21.43 -9.88
CA GLU C 48 19.46 -21.47 -9.20
C GLU C 48 20.61 -21.74 -10.15
N ILE C 49 20.45 -21.43 -11.44
CA ILE C 49 21.50 -21.54 -12.43
C ILE C 49 21.89 -20.14 -12.85
N ASP C 50 23.20 -19.87 -12.91
CA ASP C 50 23.68 -18.60 -13.42
C ASP C 50 23.31 -18.42 -14.89
N SER C 51 23.19 -17.16 -15.28
CA SER C 51 22.85 -16.78 -16.64
C SER C 51 23.28 -15.34 -16.83
N MET C 52 23.84 -15.03 -17.99
CA MET C 52 24.44 -13.72 -18.18
C MET C 52 23.38 -12.63 -18.28
N ILE C 53 23.69 -11.49 -17.67
CA ILE C 53 22.85 -10.31 -17.74
C ILE C 53 23.30 -9.52 -18.96
N PRO C 54 22.42 -9.10 -19.84
CA PRO C 54 22.81 -8.11 -20.85
C PRO C 54 23.03 -6.74 -20.25
N MET C 55 24.16 -6.56 -19.55
CA MET C 55 24.37 -5.35 -18.78
C MET C 55 24.82 -4.19 -19.67
N ASN C 56 25.44 -4.50 -20.81
CA ASN C 56 25.97 -3.50 -21.72
C ASN C 56 25.01 -3.31 -22.90
N SER C 57 23.73 -3.22 -22.61
CA SER C 57 22.68 -3.20 -23.62
C SER C 57 22.42 -1.81 -24.18
N VAL C 58 23.45 -0.96 -24.22
CA VAL C 58 23.37 0.40 -24.73
C VAL C 58 23.07 0.42 -26.21
N THR C 59 22.75 1.60 -26.74
CA THR C 59 22.38 1.81 -28.14
C THR C 59 23.51 1.44 -29.08
N GLY C 60 23.32 0.37 -29.84
CA GLY C 60 24.35 -0.08 -30.78
C GLY C 60 24.88 -1.45 -30.42
N LYS C 61 25.11 -1.68 -29.13
CA LYS C 61 25.63 -2.96 -28.68
C LYS C 61 24.55 -3.92 -28.21
N ALA C 62 23.32 -3.44 -28.04
CA ALA C 62 22.22 -4.32 -27.72
C ALA C 62 21.86 -5.20 -28.91
N ASN C 63 21.16 -6.30 -28.63
CA ASN C 63 20.71 -7.30 -29.60
C ASN C 63 21.86 -7.99 -30.35
N THR C 64 23.10 -7.89 -29.85
CA THR C 64 24.25 -8.60 -30.42
C THR C 64 25.08 -9.15 -29.26
N MET C 65 26.10 -9.95 -29.58
CA MET C 65 26.92 -10.56 -28.53
C MET C 65 27.84 -9.60 -27.80
N GLU C 66 27.80 -8.30 -28.08
CA GLU C 66 28.47 -7.34 -27.23
C GLU C 66 27.56 -6.83 -26.12
N MET C 67 26.36 -7.39 -25.96
CA MET C 67 25.48 -6.90 -24.91
C MET C 67 25.95 -7.36 -23.54
N TYR C 68 26.66 -8.49 -23.47
CA TYR C 68 27.05 -9.08 -22.20
C TYR C 68 28.34 -8.51 -21.59
N PRO C 69 29.47 -8.34 -22.31
CA PRO C 69 30.67 -7.87 -21.62
C PRO C 69 30.58 -6.41 -21.19
N ILE C 70 30.87 -6.17 -19.92
CA ILE C 70 30.80 -4.83 -19.35
C ILE C 70 32.15 -4.14 -19.59
N PRO C 71 32.16 -2.90 -20.10
CA PRO C 71 33.45 -2.26 -20.40
C PRO C 71 34.22 -1.88 -19.14
N LEU C 72 35.52 -2.11 -19.18
CA LEU C 72 36.44 -1.71 -18.12
C LEU C 72 37.67 -1.07 -18.76
N ASP C 73 38.43 -0.35 -17.93
CA ASP C 73 39.66 0.27 -18.37
C ASP C 73 40.59 0.44 -17.18
N ASP C 74 41.71 1.11 -17.40
CA ASP C 74 42.69 1.36 -16.34
C ASP C 74 42.69 2.81 -15.87
N LYS C 75 41.75 3.63 -16.32
CA LYS C 75 41.76 5.04 -15.97
C LYS C 75 41.31 5.28 -14.54
N GLY C 76 40.48 4.38 -14.00
CA GLY C 76 40.06 4.47 -12.61
C GLY C 76 39.16 5.64 -12.31
N SER C 77 38.10 5.80 -13.09
CA SER C 77 37.19 6.92 -12.90
C SER C 77 36.32 6.70 -11.67
N ALA C 78 35.71 7.79 -11.21
CA ALA C 78 34.76 7.72 -10.13
C ALA C 78 33.35 7.42 -10.61
N THR C 79 33.16 7.26 -11.91
CA THR C 79 31.84 6.94 -12.44
C THR C 79 31.51 5.48 -12.17
N PRO C 80 30.22 5.13 -12.11
CA PRO C 80 29.87 3.72 -11.95
C PRO C 80 30.20 2.90 -13.18
N ILE C 81 30.69 1.68 -12.92
CA ILE C 81 30.93 0.71 -13.98
C ILE C 81 29.60 0.29 -14.60
N PHE C 82 28.65 -0.12 -13.77
CA PHE C 82 27.28 -0.26 -14.20
C PHE C 82 26.37 0.15 -13.05
N SER C 83 25.10 0.33 -13.36
CA SER C 83 24.10 0.61 -12.35
C SER C 83 22.78 0.05 -12.83
N ILE C 84 22.05 -0.61 -11.94
CA ILE C 84 20.83 -1.31 -12.33
C ILE C 84 19.92 -1.38 -11.11
N SER C 85 18.61 -1.32 -11.36
CA SER C 85 17.65 -1.51 -10.29
C SER C 85 17.53 -3.00 -9.99
N LEU C 86 16.93 -3.30 -8.84
CA LEU C 86 16.69 -4.69 -8.47
C LEU C 86 15.23 -4.99 -8.77
N SER C 87 14.96 -5.26 -10.04
CA SER C 87 13.64 -5.69 -10.49
C SER C 87 13.88 -6.81 -11.48
N PRO C 88 14.03 -8.04 -10.99
CA PRO C 88 14.45 -9.14 -11.86
C PRO C 88 13.34 -9.69 -12.75
N ALA C 89 12.20 -9.02 -12.81
CA ALA C 89 11.13 -9.42 -13.71
C ALA C 89 10.63 -8.31 -14.60
N SER C 90 10.96 -7.04 -14.33
CA SER C 90 10.42 -5.95 -15.13
C SER C 90 11.47 -4.92 -15.52
N ASP C 91 12.75 -5.20 -15.33
CA ASP C 91 13.78 -4.29 -15.78
C ASP C 91 14.21 -4.66 -17.19
N LYS C 92 14.60 -3.64 -17.96
CA LYS C 92 14.89 -3.80 -19.38
C LYS C 92 16.17 -4.60 -19.65
N ARG C 93 16.93 -4.94 -18.63
CA ARG C 93 18.15 -5.73 -18.81
C ARG C 93 18.15 -7.00 -17.98
N LEU C 94 17.13 -7.24 -17.15
CA LEU C 94 17.07 -8.45 -16.35
C LEU C 94 15.96 -9.41 -16.73
N GLN C 95 14.91 -8.93 -17.40
CA GLN C 95 13.77 -9.80 -17.67
C GLN C 95 14.05 -10.81 -18.78
N TYR C 96 15.15 -10.66 -19.51
CA TYR C 96 15.52 -11.62 -20.54
C TYR C 96 16.59 -12.60 -20.09
N THR C 97 16.97 -12.58 -18.82
CA THR C 97 17.81 -13.64 -18.28
C THR C 97 16.95 -14.86 -17.99
N MET C 98 17.62 -15.98 -17.67
CA MET C 98 16.92 -17.21 -17.36
C MET C 98 16.08 -17.08 -16.09
N LEU C 99 16.56 -16.32 -15.13
CA LEU C 99 15.73 -16.00 -13.98
C LEU C 99 14.59 -15.07 -14.35
N GLY C 100 14.84 -14.12 -15.24
CA GLY C 100 13.81 -13.16 -15.61
C GLY C 100 12.69 -13.75 -16.43
N GLU C 101 12.98 -14.81 -17.19
CA GLU C 101 11.94 -15.42 -18.00
C GLU C 101 11.00 -16.28 -17.18
N ILE C 102 11.50 -16.92 -16.12
CA ILE C 102 10.63 -17.72 -15.26
C ILE C 102 9.75 -16.81 -14.43
N LEU C 103 10.31 -15.70 -13.94
CA LEU C 103 9.55 -14.73 -13.16
C LEU C 103 8.45 -14.04 -13.95
N ASN C 104 8.57 -13.98 -15.27
CA ASN C 104 7.47 -13.46 -16.08
C ASN C 104 6.36 -14.48 -16.31
N TYR C 105 6.46 -15.69 -15.76
CA TYR C 105 5.29 -16.55 -15.65
C TYR C 105 4.62 -16.45 -14.31
N TYR C 106 5.23 -15.80 -13.33
CA TYR C 106 4.64 -15.68 -12.00
C TYR C 106 4.40 -14.22 -11.67
N THR C 107 3.85 -13.98 -10.50
CA THR C 107 3.44 -12.63 -10.13
C THR C 107 4.11 -12.12 -8.87
N HIS C 108 4.25 -12.97 -7.87
CA HIS C 108 4.79 -12.58 -6.58
C HIS C 108 6.03 -13.40 -6.33
N TRP C 109 7.11 -12.76 -5.88
CA TRP C 109 8.35 -13.48 -5.63
C TRP C 109 8.99 -12.97 -4.35
N THR C 110 9.64 -13.87 -3.63
CA THR C 110 10.48 -13.52 -2.50
C THR C 110 11.84 -14.17 -2.68
N GLY C 111 12.79 -13.78 -1.85
CA GLY C 111 14.08 -14.42 -1.79
C GLY C 111 15.21 -13.50 -2.21
N SER C 112 16.41 -13.97 -1.99
CA SER C 112 17.61 -13.20 -2.26
C SER C 112 18.22 -13.61 -3.59
N LEU C 113 18.96 -12.68 -4.19
CA LEU C 113 19.56 -12.92 -5.49
C LEU C 113 21.07 -13.01 -5.39
N ARG C 114 21.66 -13.60 -6.42
CA ARG C 114 23.08 -13.93 -6.43
C ARG C 114 23.69 -13.40 -7.71
N PHE C 115 24.61 -12.44 -7.58
CA PHE C 115 25.28 -11.85 -8.74
C PHE C 115 26.73 -12.28 -8.72
N THR C 116 27.09 -13.19 -9.61
CA THR C 116 28.45 -13.71 -9.70
C THR C 116 29.15 -13.07 -10.90
N PHE C 117 30.26 -12.39 -10.64
CA PHE C 117 30.88 -11.54 -11.65
C PHE C 117 32.21 -12.13 -12.08
N LEU C 118 32.29 -12.49 -13.36
CA LEU C 118 33.49 -13.08 -13.95
C LEU C 118 34.35 -12.00 -14.60
N PHE C 119 35.60 -11.91 -14.19
CA PHE C 119 36.54 -10.96 -14.77
C PHE C 119 37.30 -11.66 -15.89
N CYS C 120 37.17 -11.15 -17.11
CA CYS C 120 37.79 -11.75 -18.28
C CYS C 120 38.91 -10.89 -18.85
N GLY C 121 39.70 -10.27 -17.99
CA GLY C 121 40.87 -9.54 -18.41
C GLY C 121 42.07 -10.45 -18.53
N SER C 122 43.24 -9.83 -18.60
CA SER C 122 44.47 -10.60 -18.72
C SER C 122 44.87 -11.17 -17.36
N MET C 123 45.99 -11.88 -17.34
CA MET C 123 46.50 -12.39 -16.07
C MET C 123 47.17 -11.29 -15.26
N MET C 124 47.98 -10.46 -15.91
CA MET C 124 48.71 -9.42 -15.21
C MET C 124 47.86 -8.24 -14.79
N ALA C 125 46.62 -8.15 -15.27
CA ALA C 125 45.72 -7.06 -14.88
C ALA C 125 45.21 -7.33 -13.48
N THR C 126 45.72 -6.58 -12.51
CA THR C 126 45.23 -6.65 -11.14
C THR C 126 44.44 -5.40 -10.82
N GLY C 127 43.50 -5.54 -9.89
CA GLY C 127 42.65 -4.43 -9.53
C GLY C 127 41.72 -4.81 -8.41
N LYS C 128 40.99 -3.81 -7.94
CA LYS C 128 39.95 -4.01 -6.94
C LYS C 128 38.68 -3.30 -7.41
N ILE C 129 37.55 -3.97 -7.27
CA ILE C 129 36.28 -3.46 -7.77
C ILE C 129 35.25 -3.52 -6.65
N LEU C 130 34.66 -2.38 -6.33
CA LEU C 130 33.57 -2.33 -5.36
C LEU C 130 32.28 -2.82 -5.99
N LEU C 131 31.52 -3.61 -5.24
CA LEU C 131 30.23 -4.11 -5.67
C LEU C 131 29.24 -3.80 -4.58
N SER C 132 28.18 -3.06 -4.90
CA SER C 132 27.32 -2.52 -3.85
C SER C 132 25.85 -2.83 -4.12
N TYR C 133 25.10 -2.95 -3.04
CA TYR C 133 23.65 -3.08 -3.06
C TYR C 133 23.06 -2.11 -2.06
N SER C 134 22.22 -1.21 -2.54
CA SER C 134 21.57 -0.25 -1.67
C SER C 134 20.07 -0.52 -1.65
N PRO C 135 19.47 -0.71 -0.47
CA PRO C 135 18.01 -0.82 -0.38
C PRO C 135 17.35 0.49 -0.79
N PRO C 136 16.10 0.46 -1.25
CA PRO C 136 15.51 1.66 -1.85
C PRO C 136 15.08 2.67 -0.80
N GLY C 137 14.49 3.75 -1.27
CA GLY C 137 14.01 4.77 -0.38
C GLY C 137 15.02 5.82 0.01
N ALA C 138 15.97 6.15 -0.87
CA ALA C 138 16.86 7.29 -0.71
C ALA C 138 17.36 7.70 -2.08
N LYS C 139 18.40 8.53 -2.08
CA LYS C 139 19.04 8.94 -3.31
C LYS C 139 19.68 7.74 -3.98
N PRO C 140 19.52 7.57 -5.29
CA PRO C 140 20.25 6.54 -6.00
C PRO C 140 21.73 6.84 -5.99
N PRO C 141 22.57 5.87 -5.64
CA PRO C 141 23.99 6.17 -5.43
C PRO C 141 24.71 6.40 -6.75
N THR C 142 25.47 7.48 -6.80
CA THR C 142 26.29 7.83 -7.95
C THR C 142 27.76 7.92 -7.62
N THR C 143 28.14 8.54 -6.51
CA THR C 143 29.52 8.61 -6.09
C THR C 143 29.82 7.48 -5.09
N ARG C 144 31.11 7.29 -4.79
CA ARG C 144 31.48 6.14 -4.00
C ARG C 144 31.16 6.33 -2.52
N LYS C 145 31.02 7.57 -2.07
CA LYS C 145 30.60 7.82 -0.70
C LYS C 145 29.08 7.77 -0.52
N ASP C 146 28.34 7.25 -1.50
CA ASP C 146 26.94 6.92 -1.32
C ASP C 146 26.65 5.44 -1.34
N ALA C 147 27.45 4.65 -2.07
CA ALA C 147 27.21 3.21 -2.13
C ALA C 147 28.02 2.42 -1.13
N MET C 148 29.04 3.02 -0.52
CA MET C 148 29.72 2.40 0.61
C MET C 148 28.81 2.23 1.83
N LEU C 149 27.75 3.03 1.92
CA LEU C 149 26.93 3.03 3.13
C LEU C 149 25.90 1.93 3.10
N GLY C 150 25.69 1.27 1.96
CA GLY C 150 24.72 0.21 1.85
C GLY C 150 25.34 -1.14 2.17
N THR C 151 24.77 -2.17 1.55
CA THR C 151 25.34 -3.51 1.60
C THR C 151 26.30 -3.68 0.44
N HIS C 152 27.60 -3.71 0.71
CA HIS C 152 28.55 -3.79 -0.38
C HIS C 152 29.56 -4.90 -0.12
N ILE C 153 30.44 -5.10 -1.10
CA ILE C 153 31.52 -6.07 -1.02
C ILE C 153 32.69 -5.57 -1.86
N ILE C 154 33.89 -5.56 -1.27
CA ILE C 154 35.09 -5.13 -1.96
C ILE C 154 35.79 -6.36 -2.50
N TRP C 155 35.89 -6.45 -3.82
CA TRP C 155 36.38 -7.62 -4.51
C TRP C 155 37.76 -7.36 -5.09
N ASP C 156 38.64 -8.34 -4.94
CA ASP C 156 40.01 -8.26 -5.42
C ASP C 156 40.18 -9.18 -6.62
N LEU C 157 41.11 -8.83 -7.49
CA LEU C 157 41.39 -9.61 -8.69
C LEU C 157 42.66 -10.44 -8.51
N GLY C 158 42.66 -11.63 -9.09
CA GLY C 158 43.78 -12.54 -8.95
C GLY C 158 43.48 -13.93 -9.47
N LEU C 159 43.75 -14.95 -8.66
CA LEU C 159 43.56 -16.34 -9.10
C LEU C 159 42.09 -16.75 -9.09
N GLN C 160 41.45 -16.65 -7.93
CA GLN C 160 40.01 -16.90 -7.83
C GLN C 160 39.31 -15.76 -8.55
N SER C 161 38.78 -16.03 -9.74
CA SER C 161 38.38 -14.97 -10.66
C SER C 161 36.88 -14.77 -10.76
N SER C 162 36.14 -14.98 -9.67
CA SER C 162 34.70 -14.74 -9.69
C SER C 162 34.21 -14.42 -8.29
N CYS C 163 33.71 -13.20 -8.10
CA CYS C 163 33.11 -12.81 -6.84
C CYS C 163 31.65 -13.22 -6.79
N THR C 164 30.98 -12.80 -5.71
CA THR C 164 29.55 -13.04 -5.57
C THR C 164 29.00 -11.92 -4.70
N MET C 165 28.35 -10.95 -5.31
CA MET C 165 27.59 -9.98 -4.55
C MET C 165 26.18 -10.49 -4.36
N LEU C 166 25.79 -10.62 -3.10
CA LEU C 166 24.45 -11.08 -2.75
C LEU C 166 23.57 -9.90 -2.45
N ALA C 167 22.40 -9.87 -3.09
CA ALA C 167 21.37 -8.89 -2.80
C ALA C 167 20.37 -9.55 -1.86
N PRO C 168 20.40 -9.25 -0.57
CA PRO C 168 19.58 -9.99 0.38
C PRO C 168 18.11 -9.62 0.26
N TRP C 169 17.28 -10.41 0.92
CA TRP C 169 15.85 -10.10 0.96
C TRP C 169 15.64 -9.06 2.06
N ILE C 170 15.61 -7.79 1.68
CA ILE C 170 15.30 -6.69 2.59
C ILE C 170 14.08 -6.01 2.00
N SER C 171 12.91 -6.25 2.58
CA SER C 171 11.68 -5.77 1.97
C SER C 171 10.59 -5.59 3.00
N ASN C 172 9.72 -4.61 2.77
CA ASN C 172 8.57 -4.43 3.63
C ASN C 172 7.56 -5.56 3.43
N THR C 173 7.24 -5.88 2.19
CA THR C 173 6.30 -6.96 1.95
C THR C 173 7.00 -8.31 2.00
N VAL C 174 6.21 -9.35 2.22
CA VAL C 174 6.73 -10.71 2.20
C VAL C 174 7.03 -11.12 0.77
N TYR C 175 6.36 -10.48 -0.18
CA TYR C 175 6.35 -10.86 -1.59
C TYR C 175 6.39 -9.61 -2.44
N ARG C 176 7.51 -9.34 -3.10
CA ARG C 176 7.49 -8.30 -4.11
C ARG C 176 6.79 -8.79 -5.36
N ARG C 177 6.33 -7.85 -6.17
CA ARG C 177 5.62 -8.17 -7.39
C ARG C 177 6.57 -8.29 -8.56
N CYS C 178 6.10 -8.94 -9.62
CA CYS C 178 6.87 -9.13 -10.85
C CYS C 178 6.61 -8.04 -11.88
N ILE C 179 6.27 -6.82 -11.43
CA ILE C 179 6.09 -5.69 -12.32
C ILE C 179 6.95 -4.54 -11.81
N LYS C 180 6.99 -3.46 -12.58
CA LYS C 180 7.57 -2.21 -12.11
C LYS C 180 6.52 -1.55 -11.21
N ASP C 181 6.57 -1.87 -9.92
CA ASP C 181 5.66 -1.30 -8.96
C ASP C 181 6.45 -0.42 -7.99
N ASP C 182 5.85 0.68 -7.59
CA ASP C 182 6.54 1.60 -6.69
C ASP C 182 6.59 1.06 -5.27
N PHE C 183 5.50 0.41 -4.83
CA PHE C 183 5.42 -0.03 -3.44
C PHE C 183 6.28 -1.25 -3.15
N THR C 184 6.56 -2.07 -4.15
CA THR C 184 7.43 -3.23 -3.99
C THR C 184 8.72 -3.05 -4.78
N GLU C 185 9.29 -1.85 -4.74
CA GLU C 185 10.56 -1.59 -5.38
C GLU C 185 11.68 -2.33 -4.66
N GLY C 186 12.69 -2.72 -5.43
CA GLY C 186 13.65 -3.67 -4.92
C GLY C 186 14.89 -3.10 -4.28
N GLY C 187 15.56 -2.21 -4.98
CA GLY C 187 16.83 -1.70 -4.49
C GLY C 187 17.66 -1.15 -5.62
N TYR C 188 18.73 -0.48 -5.23
CA TYR C 188 19.62 0.20 -6.17
C TYR C 188 20.99 -0.44 -6.07
N ILE C 189 21.57 -0.76 -7.22
CA ILE C 189 22.79 -1.54 -7.31
C ILE C 189 23.81 -0.78 -8.14
N THR C 190 25.00 -0.56 -7.60
CA THR C 190 26.07 0.06 -8.39
C THR C 190 27.35 -0.75 -8.35
N CYS C 191 28.41 -0.19 -8.94
CA CYS C 191 29.67 -0.89 -9.10
C CYS C 191 30.75 0.15 -9.39
N PHE C 192 31.71 0.29 -8.48
CA PHE C 192 32.69 1.35 -8.54
C PHE C 192 34.08 0.74 -8.60
N TYR C 193 35.00 1.45 -9.27
CA TYR C 193 36.41 1.12 -9.14
C TYR C 193 36.85 1.39 -7.72
N GLN C 194 37.22 0.33 -7.00
CA GLN C 194 37.64 0.48 -5.62
C GLN C 194 38.95 1.26 -5.51
N THR C 195 40.00 0.78 -6.17
CA THR C 195 41.22 1.55 -6.30
C THR C 195 41.43 1.98 -7.74
N ARG C 196 41.72 1.02 -8.63
CA ARG C 196 41.56 1.02 -10.08
C ARG C 196 42.09 -0.33 -10.54
N ILE C 197 41.99 -0.63 -11.83
CA ILE C 197 42.61 -1.81 -12.39
C ILE C 197 43.90 -1.41 -13.08
N VAL C 198 44.99 -2.08 -12.74
CA VAL C 198 46.33 -1.70 -13.19
C VAL C 198 46.83 -2.75 -14.18
N VAL C 199 47.26 -2.30 -15.35
CA VAL C 199 47.87 -3.20 -16.33
C VAL C 199 49.32 -2.79 -16.55
N PRO C 200 50.21 -3.72 -16.83
CA PRO C 200 51.58 -3.35 -17.21
C PRO C 200 51.70 -3.04 -18.68
N SER C 201 52.92 -2.82 -19.16
CA SER C 201 53.14 -2.63 -20.59
C SER C 201 52.95 -3.93 -21.34
N GLY C 202 52.57 -3.82 -22.61
CA GLY C 202 52.30 -5.00 -23.41
C GLY C 202 51.07 -5.76 -22.99
N THR C 203 50.04 -5.06 -22.53
CA THR C 203 48.85 -5.62 -21.96
C THR C 203 47.74 -4.68 -22.35
N PRO C 204 46.56 -5.18 -22.73
CA PRO C 204 45.46 -4.28 -23.13
C PRO C 204 44.98 -3.43 -21.97
N THR C 205 44.62 -2.19 -22.29
CA THR C 205 44.11 -1.29 -21.28
C THR C 205 42.61 -1.40 -21.12
N SER C 206 41.88 -1.50 -22.22
CA SER C 206 40.42 -1.62 -22.20
C SER C 206 40.05 -3.10 -22.16
N MET C 207 39.36 -3.50 -21.11
CA MET C 207 39.06 -4.90 -20.83
C MET C 207 37.56 -5.08 -20.68
N PHE C 208 37.15 -6.28 -20.26
CA PHE C 208 35.74 -6.58 -20.14
C PHE C 208 35.49 -7.48 -18.93
N MET C 209 34.21 -7.64 -18.61
CA MET C 209 33.78 -8.37 -17.41
C MET C 209 32.37 -8.88 -17.66
N LEU C 210 32.12 -10.12 -17.24
CA LEU C 210 30.83 -10.76 -17.45
C LEU C 210 30.04 -10.79 -16.14
N ALA C 211 28.72 -10.72 -16.25
CA ALA C 211 27.85 -10.54 -15.09
C ALA C 211 26.71 -11.56 -15.13
N PHE C 212 26.54 -12.31 -14.03
CA PHE C 212 25.58 -13.40 -13.97
C PHE C 212 24.44 -13.03 -13.02
N VAL C 213 23.45 -13.92 -12.95
CA VAL C 213 22.31 -13.78 -12.05
C VAL C 213 21.76 -15.17 -11.77
N SER C 214 21.43 -15.43 -10.51
CA SER C 214 20.74 -16.66 -10.12
C SER C 214 19.89 -16.38 -8.90
N ALA C 215 19.43 -17.44 -8.24
CA ALA C 215 18.55 -17.32 -7.09
C ALA C 215 19.11 -18.09 -5.91
N CYS C 216 18.99 -17.53 -4.73
CA CYS C 216 19.44 -18.17 -3.50
C CYS C 216 18.48 -19.30 -3.15
N PRO C 217 18.85 -20.21 -2.25
CA PRO C 217 17.93 -21.29 -1.87
C PRO C 217 16.79 -20.88 -0.95
N ASP C 218 16.52 -19.60 -0.76
CA ASP C 218 15.30 -19.15 -0.11
C ASP C 218 14.42 -18.35 -1.06
N PHE C 219 14.50 -18.65 -2.36
CA PHE C 219 13.83 -17.89 -3.40
C PHE C 219 12.65 -18.72 -3.87
N SER C 220 11.47 -18.11 -3.94
CA SER C 220 10.26 -18.84 -4.29
C SER C 220 9.25 -17.89 -4.90
N VAL C 221 8.37 -18.44 -5.74
CA VAL C 221 7.42 -17.65 -6.52
C VAL C 221 6.01 -18.13 -6.23
N ARG C 222 5.03 -17.32 -6.64
CA ARG C 222 3.62 -17.70 -6.55
C ARG C 222 2.89 -17.21 -7.79
N LEU C 223 1.64 -17.67 -7.92
CA LEU C 223 0.60 -17.05 -8.73
C LEU C 223 0.99 -17.01 -10.22
N LEU C 224 0.94 -18.21 -10.80
CA LEU C 224 1.19 -18.39 -12.24
C LEU C 224 0.28 -17.50 -13.09
N ARG C 225 0.87 -16.94 -14.15
CA ARG C 225 0.18 -16.07 -15.09
C ARG C 225 0.81 -16.26 -16.46
N ASP C 226 0.23 -15.61 -17.47
CA ASP C 226 0.86 -15.56 -18.77
C ASP C 226 2.04 -14.59 -18.77
N THR C 227 2.80 -14.62 -19.85
CA THR C 227 3.97 -13.79 -19.98
C THR C 227 3.71 -12.70 -21.02
N ASN C 228 4.69 -11.83 -21.20
CA ASN C 228 4.56 -10.68 -22.09
C ASN C 228 5.80 -10.55 -22.97
N HIS C 229 6.23 -11.67 -23.55
CA HIS C 229 7.31 -11.69 -24.52
C HIS C 229 6.85 -12.05 -25.91
N ILE C 230 5.75 -12.79 -26.01
CA ILE C 230 5.38 -13.50 -27.22
C ILE C 230 3.93 -13.19 -27.55
N SER C 231 3.60 -13.16 -28.83
CA SER C 231 2.25 -12.85 -29.27
C SER C 231 1.97 -13.45 -30.65
N GLN D 1 -0.99 6.02 -23.94
CA GLN D 1 -0.53 5.71 -22.58
C GLN D 1 -0.32 6.98 -21.77
N THR D 2 0.30 7.97 -22.40
CA THR D 2 0.50 9.27 -21.77
C THR D 2 0.45 10.32 -22.87
N SER D 3 -0.47 11.28 -22.72
CA SER D 3 -0.72 12.27 -23.76
C SER D 3 -0.43 13.67 -23.22
N VAL D 4 0.28 14.46 -24.02
CA VAL D 4 0.55 15.86 -23.73
C VAL D 4 -0.05 16.66 -24.87
N SER D 5 -1.17 17.35 -24.60
CA SER D 5 -1.88 18.06 -25.65
C SER D 5 -1.14 19.30 -26.16
N PRO D 6 -0.54 20.18 -25.31
CA PRO D 6 0.28 21.22 -25.98
C PRO D 6 1.67 20.72 -26.35
N SER D 7 1.74 20.00 -27.48
CA SER D 7 3.01 19.42 -27.92
C SER D 7 3.89 20.47 -28.58
N LYS D 8 3.32 21.29 -29.45
CA LYS D 8 4.05 22.35 -30.15
C LYS D 8 3.65 23.69 -29.52
N VAL D 9 4.56 24.29 -28.76
CA VAL D 9 4.31 25.52 -28.04
C VAL D 9 5.34 26.57 -28.46
N ILE D 10 4.86 27.73 -28.89
CA ILE D 10 5.71 28.91 -29.08
C ILE D 10 5.23 29.99 -28.11
N LEU D 11 6.19 30.61 -27.41
CA LEU D 11 5.92 31.54 -26.33
C LEU D 11 7.24 32.27 -26.04
N PRO D 12 7.22 33.58 -25.78
CA PRO D 12 8.49 34.31 -25.58
C PRO D 12 9.21 34.00 -24.28
N ARG D 13 10.32 34.68 -24.05
CA ARG D 13 11.15 34.42 -22.88
C ARG D 13 10.54 35.04 -21.64
N GLY D 14 10.39 34.23 -20.59
CA GLY D 14 9.95 34.70 -19.29
C GLY D 14 8.50 34.42 -18.97
N GLY D 15 7.66 34.20 -19.98
CA GLY D 15 6.24 34.01 -19.76
C GLY D 15 5.89 32.64 -19.24
N SER D 16 4.59 32.38 -19.18
CA SER D 16 4.05 31.14 -18.64
C SER D 16 3.55 30.23 -19.76
N VAL D 17 3.71 28.93 -19.57
CA VAL D 17 3.28 27.91 -20.52
C VAL D 17 2.37 26.94 -19.79
N LEU D 18 1.17 26.76 -20.32
CA LEU D 18 0.21 25.81 -19.75
C LEU D 18 0.43 24.44 -20.39
N VAL D 19 0.78 23.45 -19.57
CA VAL D 19 1.09 22.11 -20.04
C VAL D 19 0.04 21.15 -19.49
N THR D 20 -0.61 20.42 -20.39
CA THR D 20 -1.69 19.49 -20.02
C THR D 20 -1.19 18.07 -20.29
N CYS D 21 -0.86 17.35 -19.22
CA CYS D 21 -0.40 15.97 -19.34
C CYS D 21 -1.28 15.05 -18.51
N SER D 22 -1.93 14.09 -19.16
CA SER D 22 -2.70 13.05 -18.49
C SER D 22 -2.24 11.68 -18.97
N THR D 23 -2.97 10.64 -18.59
CA THR D 23 -2.66 9.29 -19.05
C THR D 23 -3.92 8.65 -19.63
N SER D 24 -3.73 7.51 -20.29
CA SER D 24 -4.82 6.73 -20.86
C SER D 24 -5.32 5.67 -19.92
N CYS D 25 -5.18 5.88 -18.61
CA CYS D 25 -5.54 4.92 -17.60
C CYS D 25 -6.60 5.53 -16.69
N ASP D 26 -7.07 4.72 -15.73
CA ASP D 26 -8.03 5.20 -14.75
C ASP D 26 -7.39 5.40 -13.38
N GLN D 27 -6.24 4.79 -13.12
CA GLN D 27 -5.55 4.95 -11.85
C GLN D 27 -4.10 5.36 -12.08
N PRO D 28 -3.82 6.66 -12.14
CA PRO D 28 -2.44 7.12 -12.22
C PRO D 28 -1.73 6.99 -10.88
N LYS D 29 -1.10 5.83 -10.63
CA LYS D 29 -0.34 5.62 -9.39
C LYS D 29 0.73 6.68 -9.19
N LEU D 30 1.55 6.93 -10.19
CA LEU D 30 2.62 7.92 -10.12
C LEU D 30 2.68 8.65 -11.45
N LEU D 31 2.30 9.93 -11.46
CA LEU D 31 2.30 10.72 -12.68
C LEU D 31 2.85 12.09 -12.35
N GLY D 32 3.73 12.60 -13.20
CA GLY D 32 4.31 13.92 -12.99
C GLY D 32 5.14 14.35 -14.18
N ILE D 33 5.50 15.63 -14.18
CA ILE D 33 6.28 16.22 -15.26
C ILE D 33 7.66 16.56 -14.72
N GLU D 34 8.70 16.08 -15.42
CA GLU D 34 10.09 16.24 -14.98
C GLU D 34 10.71 17.46 -15.64
N THR D 35 10.78 18.56 -14.90
CA THR D 35 11.50 19.75 -15.35
C THR D 35 11.92 20.56 -14.13
N PRO D 36 13.04 21.28 -14.21
CA PRO D 36 13.42 22.22 -13.15
C PRO D 36 12.83 23.62 -13.34
N LEU D 37 11.52 23.68 -13.57
CA LEU D 37 10.81 24.93 -13.79
C LEU D 37 9.72 25.12 -12.74
N PRO D 38 9.48 26.36 -12.31
CA PRO D 38 8.49 26.58 -11.24
C PRO D 38 7.06 26.36 -11.71
N LYS D 39 6.29 25.66 -10.88
CA LYS D 39 4.91 25.32 -11.18
C LYS D 39 4.18 25.04 -9.88
N LYS D 40 2.99 25.62 -9.72
CA LYS D 40 2.17 25.29 -8.56
C LYS D 40 1.28 24.08 -8.83
N GLU D 41 0.22 24.29 -9.61
CA GLU D 41 -0.82 23.37 -10.08
C GLU D 41 -1.82 24.23 -10.84
N LEU D 42 -2.61 23.60 -11.71
CA LEU D 42 -3.81 24.23 -12.24
C LEU D 42 -5.01 23.35 -11.87
N LEU D 43 -6.13 24.00 -11.53
CA LEU D 43 -7.29 23.29 -11.04
C LEU D 43 -8.03 22.62 -12.20
N LEU D 44 -8.27 21.32 -12.08
CA LEU D 44 -8.95 20.60 -13.13
C LEU D 44 -9.63 19.37 -12.55
N PRO D 45 -10.96 19.32 -12.55
CA PRO D 45 -11.67 18.18 -11.97
C PRO D 45 -11.50 16.93 -12.82
N GLY D 46 -11.42 15.78 -12.14
CA GLY D 46 -11.21 14.52 -12.84
C GLY D 46 -9.92 13.91 -12.32
N ASN D 47 -9.99 12.62 -12.01
CA ASN D 47 -8.88 11.89 -11.41
C ASN D 47 -7.79 11.57 -12.42
N ASN D 48 -8.06 11.77 -13.71
CA ASN D 48 -7.17 11.41 -14.79
C ASN D 48 -6.54 12.61 -15.48
N ARG D 49 -7.38 13.55 -15.94
CA ARG D 49 -6.89 14.76 -16.60
C ARG D 49 -6.20 15.69 -15.61
N LYS D 50 -5.31 16.52 -16.12
CA LYS D 50 -4.32 17.19 -15.28
C LYS D 50 -3.62 18.29 -16.05
N VAL D 51 -3.40 19.44 -15.40
CA VAL D 51 -2.67 20.56 -15.99
C VAL D 51 -1.70 21.10 -14.95
N TYR D 52 -0.42 21.16 -15.30
CA TYR D 52 0.56 21.94 -14.53
C TYR D 52 0.74 23.31 -15.18
N GLU D 53 0.94 24.33 -14.35
CA GLU D 53 1.10 25.70 -14.83
C GLU D 53 2.57 26.07 -14.70
N LEU D 54 3.31 25.93 -15.79
CA LEU D 54 4.71 26.30 -15.79
C LEU D 54 4.88 27.80 -15.97
N SER D 55 6.01 28.32 -15.50
CA SER D 55 6.26 29.75 -15.55
C SER D 55 7.77 29.99 -15.61
N ASN D 56 8.12 31.22 -16.00
CA ASN D 56 9.50 31.70 -16.14
C ASN D 56 10.30 30.82 -17.11
N VAL D 57 9.83 30.79 -18.36
CA VAL D 57 10.47 30.01 -19.41
C VAL D 57 11.58 30.87 -20.00
N GLN D 58 12.83 30.43 -19.82
CA GLN D 58 14.00 31.17 -20.29
C GLN D 58 14.65 30.53 -21.51
N GLU D 59 15.00 29.25 -21.42
CA GLU D 59 15.66 28.55 -22.52
C GLU D 59 14.72 27.48 -23.08
N ASP D 60 15.21 26.75 -24.07
CA ASP D 60 14.45 25.67 -24.69
C ASP D 60 14.50 24.44 -23.79
N SER D 61 13.33 23.93 -23.41
CA SER D 61 13.23 22.81 -22.51
C SER D 61 12.37 21.70 -23.12
N GLN D 62 12.64 20.46 -22.70
CA GLN D 62 11.88 19.30 -23.12
C GLN D 62 11.52 18.49 -21.87
N PRO D 63 10.42 18.82 -21.20
CA PRO D 63 10.06 18.09 -19.98
C PRO D 63 9.41 16.74 -20.29
N MET D 64 9.79 15.74 -19.50
CA MET D 64 9.29 14.38 -19.63
C MET D 64 8.12 14.18 -18.67
N CYS D 65 7.04 13.58 -19.17
CA CYS D 65 5.86 13.33 -18.35
C CYS D 65 5.64 11.83 -18.27
N TYR D 66 6.07 11.25 -17.16
CA TYR D 66 5.86 9.85 -16.84
C TYR D 66 4.43 9.62 -16.33
N SER D 67 4.02 8.36 -16.30
CA SER D 67 2.74 7.95 -15.75
C SER D 67 2.81 6.48 -15.41
N ASN D 68 2.62 6.14 -14.14
CA ASN D 68 2.74 4.74 -13.72
C ASN D 68 1.39 4.05 -13.83
N CYS D 69 0.99 3.80 -15.08
CA CYS D 69 -0.05 2.84 -15.38
C CYS D 69 0.41 1.43 -15.01
N PRO D 70 -0.52 0.49 -14.79
CA PRO D 70 -0.09 -0.89 -14.47
C PRO D 70 0.55 -1.66 -15.62
N ASP D 71 0.75 -1.06 -16.80
CA ASP D 71 1.57 -1.63 -17.85
C ASP D 71 2.80 -0.74 -18.01
N GLY D 72 3.81 -0.98 -17.18
CA GLY D 72 5.11 -0.31 -17.22
C GLY D 72 5.08 1.20 -17.02
N GLN D 73 6.26 1.79 -17.25
CA GLN D 73 6.42 3.24 -17.22
C GLN D 73 6.26 3.78 -18.64
N SER D 74 5.50 4.87 -18.77
CA SER D 74 5.25 5.48 -20.06
C SER D 74 6.00 6.82 -20.17
N THR D 75 6.05 7.36 -21.38
CA THR D 75 6.88 8.50 -21.69
C THR D 75 6.17 9.41 -22.68
N ALA D 76 6.10 10.70 -22.36
CA ALA D 76 5.61 11.71 -23.30
C ALA D 76 6.29 13.03 -23.00
N LYS D 77 6.74 13.72 -24.04
CA LYS D 77 7.40 15.01 -23.91
C LYS D 77 6.59 16.09 -24.62
N THR D 78 7.05 17.32 -24.47
CA THR D 78 6.51 18.45 -25.23
C THR D 78 7.66 19.33 -25.69
N PHE D 79 7.42 20.06 -26.77
CA PHE D 79 8.44 20.86 -27.43
C PHE D 79 8.06 22.33 -27.32
N LEU D 80 8.96 23.13 -26.75
CA LEU D 80 8.70 24.55 -26.53
C LEU D 80 9.91 25.37 -26.95
N THR D 81 9.64 26.51 -27.57
CA THR D 81 10.67 27.43 -28.02
C THR D 81 10.50 28.78 -27.33
N VAL D 82 11.51 29.63 -27.48
CA VAL D 82 11.49 30.97 -26.89
C VAL D 82 11.60 32.02 -27.99
N TYR D 83 11.57 33.29 -27.61
CA TYR D 83 11.66 34.39 -28.55
C TYR D 83 12.57 35.47 -27.97
N TRP D 84 13.32 36.13 -28.85
CA TRP D 84 14.22 37.20 -28.44
C TRP D 84 14.31 38.24 -29.55
N THR D 85 14.60 39.47 -29.17
CA THR D 85 14.73 40.57 -30.12
C THR D 85 16.17 41.05 -30.22
#